data_9GL2
#
_entry.id   9GL2
#
_cell.length_a   1.00
_cell.length_b   1.00
_cell.length_c   1.00
_cell.angle_alpha   90.00
_cell.angle_beta   90.00
_cell.angle_gamma   90.00
#
_symmetry.space_group_name_H-M   'P 1'
#
loop_
_entity.id
_entity.type
_entity.pdbx_description
1 polymer 'Guanine nucleotide-binding protein G(s) subunit alpha isoforms short'
2 polymer 'Guanine nucleotide-binding protein G(I)/G(S)/G(T) subunit beta-1'
3 polymer 'Guanine nucleotide-binding protein G(I)/G(S)/G(O) subunit gamma-2'
4 polymer '5-hydroxytryptamine receptor 1A'
5 non-polymer CHOLESTEROL
6 non-polymer '(2R)-1-(heptadecanoyloxy)-3-{[(R)-hydroxy{[(1R,2R,3R,4R,5S,6R)-2,3,5,6-tetrahydroxy-4-(phosphonooxy)cyclohexyl]oxy}phosphoryl]oxy}propan-2-yl (5Z,8Z,11Z,14Z)-icosa-5,8,11,14-tetraenoate'
7 non-polymer (3-chloranyl-4-fluoranyl-phenyl)-[4-fluoranyl-4-[[(5-methylpyridin-2-yl)methylamino]methyl]piperidin-1-yl]methanone
#
loop_
_entity_poly.entity_id
_entity_poly.type
_entity_poly.pdbx_seq_one_letter_code
_entity_poly.pdbx_strand_id
1 'polypeptide(L)'
;MGCLGNSKTEDQRNEEKAQREANKKIEKQLQKDKQVYRATHRLLLLGAGESGKNTIVKQMRILHVNGFNGEGGEEDPQAA
RSNSDGEKATKVQDIKNNLKEAIETIVAAMSNLVPPVELANPENQFRVDYILSVMNVPDFDFPPEFYEHAKALWEDEGVR
ACYERSNEYQLIDCAQYFLDKIDVIKQADYVPSDQDLLRCRVLTSGIFETKFQVDKVNFHMFDVGAQRDERRKWIQCFND
VTAIIFVVASSSYNMVIREDNQTNRLQAALKLFDSIWNNKWLRDTSVILFLNKQDLLAEKVLAGKSKIEDYFPEFARYTT
PEDATPEPGEDPRVTRAKYFIRDEFLRISTASGDGRHYCYPHFTCAVDTENIRRVFNDCRDIIQRMHLRQYELL
;
A
2 'polypeptide(L)'
;MHHHHHHHHGSSGSELDQLRQEAEQLKNQIRDARKACADATLSQITNNIDPVGRIQMRTRRTLRGHLAKIYAMHWGTDSR
LLVSASQDGKLIIWDSYTTNKVHAIPLRSSWVMTCAYAPSGNYVACGGLDNICSIYNLKTREGNVRVSRELAGHTGYLSC
CRFLDDNQIVTSSGDTTCALWDIETGQQTTTFTGHTGDVMSLSLAPDTRLFVSGACDASAKLWDVREGMCRQTFTGHESD
INAICFFPNGNAFATGSDDATCRLFDLRADQELMTYSHDNIICGITSVSFSKSGRLLLAGYDDFNCNVWDALKADRAGVL
AGHDNRVSCLGVTDDGMAVATGSWDSFLKIWN
;
B
3 'polypeptide(L)' MASNNTASIAQARKLVEQLKMEANIDRIKVSKAAADLMAYCEAHAKEDPLLTPVPASENPFREKKFFCAIL G
4 'polypeptide(L)'
;MKTIIALSYIFCLVFADYKDDDDAAAAHHHHHHHHHHENLYFQGMDVLSPGQGNNTTSPPAPFETGGNTTGISDVTVSYQ
VITSLLLGTLIFCAVLGNACVVAAIALERSLQNVANYLIGSLAVTDLMVSVLVLPMAALYQVLNKWTLGQVTCDLFIALD
VLCCTSSIWHLCAIALDRYWAITDPIDYVNKRTPRRAAALISLTWLIGFLISIPPMLGWRTPEDRSDPDACTISKDHGYT
IYSTFGAFYIPLLLMLVLYGRIFRAARFRIRKTVKKVEKTGADTRHGASPAPQPKKSVNGESGSRNWRLGVESKAGGALC
ANGAVRQGDDGAALEVIEVHRVGNSKEHLPLPSEAGPTPCAPASFERKNERNAEAKRKMALARERKTVKTLGIIMGTFIL
CWLPFFIVALVLPFCESSCHMPTLLGAIINWLGYSNSLLNPVIYAYFNKDFQNAFKKIIKCKFCRQ
;
R
#
loop_
_chem_comp.id
_chem_comp.type
_chem_comp.name
_chem_comp.formula
CLR non-polymer CHOLESTEROL 'C27 H46 O'
T7M non-polymer '(2R)-1-(heptadecanoyloxy)-3-{[(R)-hydroxy{[(1R,2R,3R,4R,5S,6R)-2,3,5,6-tetrahydroxy-4-(phosphonooxy)cyclohexyl]oxy}phosphoryl]oxy}propan-2-yl (5Z,8Z,11Z,14Z)-icosa-5,8,11,14-tetraenoate' 'C46 H82 O16 P2'
ZKV non-polymer (3-chloranyl-4-fluoranyl-phenyl)-[4-fluoranyl-4-[[(5-methylpyridin-2-yl)methylamino]methyl]piperidin-1-yl]methanone 'C20 H22 Cl F2 N3 O'
#
# COMPACT_ATOMS: atom_id res chain seq x y z
N GLN A 12 -18.35 10.00 -34.56
CA GLN A 12 -19.02 9.43 -33.41
C GLN A 12 -18.24 8.22 -32.87
N ARG A 13 -18.52 7.05 -33.42
CA ARG A 13 -17.83 5.85 -32.97
C ARG A 13 -16.39 5.78 -33.49
N ASN A 14 -16.13 6.38 -34.65
CA ASN A 14 -14.84 6.24 -35.30
C ASN A 14 -13.71 6.85 -34.45
N GLU A 15 -13.95 8.01 -33.85
CA GLU A 15 -12.91 8.69 -33.11
C GLU A 15 -12.71 8.15 -31.70
N GLU A 16 -13.56 7.22 -31.25
CA GLU A 16 -13.44 6.66 -29.91
C GLU A 16 -12.84 5.26 -29.89
N LYS A 17 -12.94 4.52 -30.99
CA LYS A 17 -12.32 3.19 -31.04
C LYS A 17 -10.80 3.30 -30.95
N ALA A 18 -10.22 4.30 -31.61
CA ALA A 18 -8.78 4.51 -31.52
C ALA A 18 -8.36 4.84 -30.09
N GLN A 19 -9.13 5.70 -29.41
CA GLN A 19 -8.81 6.01 -28.03
C GLN A 19 -8.95 4.79 -27.14
N ARG A 20 -9.95 3.95 -27.41
CA ARG A 20 -10.14 2.75 -26.59
C ARG A 20 -9.01 1.75 -26.80
N GLU A 21 -8.55 1.58 -28.04
CA GLU A 21 -7.44 0.64 -28.25
C GLU A 21 -6.12 1.21 -27.71
N ALA A 22 -5.95 2.53 -27.75
CA ALA A 22 -4.80 3.13 -27.09
C ALA A 22 -4.86 2.90 -25.58
N ASN A 23 -6.05 3.00 -25.00
CA ASN A 23 -6.25 2.64 -23.60
C ASN A 23 -5.85 1.19 -23.34
N LYS A 24 -6.26 0.28 -24.21
CA LYS A 24 -5.94 -1.13 -24.01
C LYS A 24 -4.43 -1.36 -24.06
N LYS A 25 -3.75 -0.74 -25.02
CA LYS A 25 -2.30 -0.87 -25.11
C LYS A 25 -1.60 -0.27 -23.88
N ILE A 26 -2.08 0.89 -23.41
CA ILE A 26 -1.50 1.52 -22.22
C ILE A 26 -1.67 0.62 -21.01
N GLU A 27 -2.86 0.03 -20.85
CA GLU A 27 -3.09 -0.86 -19.72
C GLU A 27 -2.22 -2.10 -19.81
N LYS A 28 -2.04 -2.64 -21.02
CA LYS A 28 -1.16 -3.80 -21.19
C LYS A 28 0.27 -3.47 -20.79
N GLN A 29 0.78 -2.32 -21.22
CA GLN A 29 2.14 -1.93 -20.88
C GLN A 29 2.28 -1.70 -19.37
N LEU A 30 1.28 -1.08 -18.74
CA LEU A 30 1.34 -0.86 -17.30
C LEU A 30 1.35 -2.17 -16.53
N GLN A 31 0.51 -3.12 -16.93
CA GLN A 31 0.49 -4.42 -16.26
C GLN A 31 1.80 -5.17 -16.47
N LYS A 32 2.35 -5.11 -17.69
CA LYS A 32 3.65 -5.75 -17.94
C LYS A 32 4.75 -5.13 -17.10
N ASP A 33 4.75 -3.80 -16.96
CA ASP A 33 5.76 -3.14 -16.14
C ASP A 33 5.62 -3.52 -14.67
N LYS A 34 4.38 -3.64 -14.18
CA LYS A 34 4.21 -4.11 -12.80
C LYS A 34 4.71 -5.53 -12.63
N GLN A 35 4.44 -6.39 -13.61
CA GLN A 35 4.91 -7.78 -13.53
C GLN A 35 6.44 -7.84 -13.52
N VAL A 36 7.09 -7.00 -14.32
CA VAL A 36 8.55 -6.94 -14.30
C VAL A 36 9.05 -6.42 -12.97
N TYR A 37 8.40 -5.39 -12.42
CA TYR A 37 8.86 -4.80 -11.16
C TYR A 37 8.70 -5.76 -10.00
N ARG A 38 7.64 -6.58 -10.01
CA ARG A 38 7.37 -7.44 -8.86
C ARG A 38 8.48 -8.45 -8.63
N ALA A 39 9.12 -8.90 -9.71
CA ALA A 39 10.28 -9.80 -9.62
C ALA A 39 11.57 -9.05 -9.34
N THR A 40 11.50 -7.80 -8.88
CA THR A 40 12.66 -6.97 -8.61
C THR A 40 12.63 -6.54 -7.14
N HIS A 41 13.80 -6.56 -6.50
CA HIS A 41 13.92 -6.42 -5.07
C HIS A 41 14.05 -4.93 -4.69
N ARG A 42 13.74 -4.62 -3.43
CA ARG A 42 13.78 -3.26 -2.92
C ARG A 42 14.70 -3.19 -1.70
N LEU A 43 15.62 -2.23 -1.68
CA LEU A 43 16.57 -2.07 -0.59
C LEU A 43 16.87 -0.60 -0.38
N LEU A 44 16.88 -0.17 0.89
CA LEU A 44 17.15 1.21 1.26
C LEU A 44 18.43 1.27 2.09
N LEU A 45 19.27 2.29 1.85
CA LEU A 45 20.53 2.45 2.55
C LEU A 45 20.44 3.66 3.47
N LEU A 46 21.04 3.55 4.64
CA LEU A 46 21.08 4.64 5.60
C LEU A 46 22.42 4.61 6.34
N GLY A 47 22.80 5.77 6.88
CA GLY A 47 24.06 5.92 7.57
C GLY A 47 24.79 7.15 7.08
N ALA A 48 25.59 7.74 7.96
CA ALA A 48 26.30 8.97 7.64
C ALA A 48 27.42 8.69 6.64
N GLY A 49 27.95 9.78 6.07
CA GLY A 49 29.05 9.66 5.12
C GLY A 49 30.35 9.23 5.75
N GLU A 50 30.51 9.42 7.06
CA GLU A 50 31.69 8.94 7.76
C GLU A 50 31.69 7.44 7.96
N SER A 51 30.58 6.77 7.66
CA SER A 51 30.47 5.33 7.83
C SER A 51 31.16 4.60 6.68
N GLY A 52 30.99 3.28 6.64
CA GLY A 52 31.54 2.47 5.57
C GLY A 52 30.60 2.36 4.38
N LYS A 53 29.76 3.37 4.22
CA LYS A 53 28.77 3.37 3.13
C LYS A 53 29.44 3.32 1.76
N ASN A 54 30.53 4.05 1.59
CA ASN A 54 31.18 4.15 0.28
C ASN A 54 31.69 2.80 -0.18
N THR A 55 32.31 2.03 0.73
CA THR A 55 32.83 0.72 0.36
C THR A 55 31.70 -0.23 -0.03
N ILE A 56 30.61 -0.22 0.73
CA ILE A 56 29.47 -1.09 0.44
C ILE A 56 28.89 -0.76 -0.92
N VAL A 57 28.70 0.54 -1.19
CA VAL A 57 28.12 0.95 -2.48
C VAL A 57 29.07 0.60 -3.62
N LYS A 58 30.38 0.79 -3.42
CA LYS A 58 31.34 0.49 -4.47
C LYS A 58 31.37 -0.99 -4.80
N GLN A 59 31.27 -1.84 -3.77
CA GLN A 59 31.19 -3.28 -4.02
C GLN A 59 29.87 -3.64 -4.71
N MET A 60 28.75 -3.10 -4.23
CA MET A 60 27.44 -3.53 -4.68
C MET A 60 27.10 -2.96 -6.07
N ARG A 61 27.82 -1.94 -6.51
CA ARG A 61 27.66 -1.46 -7.89
C ARG A 61 28.20 -2.43 -8.92
N ILE A 62 28.96 -3.44 -8.52
CA ILE A 62 29.51 -4.42 -9.45
C ILE A 62 29.16 -5.82 -9.01
N THR A 204 24.36 14.33 -8.04
CA THR A 204 23.74 15.59 -7.64
C THR A 204 22.37 15.36 -7.02
N SER A 205 21.62 14.41 -7.59
CA SER A 205 20.29 14.12 -7.12
C SER A 205 20.33 13.43 -5.75
N GLY A 206 19.22 13.55 -5.02
CA GLY A 206 19.12 12.93 -3.71
C GLY A 206 18.92 11.44 -3.72
N ILE A 207 18.64 10.85 -4.88
CA ILE A 207 18.48 9.41 -5.03
C ILE A 207 19.39 8.94 -6.15
N PHE A 208 20.23 7.96 -5.85
CA PHE A 208 21.07 7.30 -6.84
C PHE A 208 20.67 5.84 -6.92
N GLU A 209 20.42 5.36 -8.14
CA GLU A 209 19.97 4.01 -8.38
C GLU A 209 21.13 3.17 -8.89
N THR A 210 21.51 2.15 -8.12
CA THR A 210 22.52 1.18 -8.54
C THR A 210 21.83 -0.18 -8.63
N LYS A 211 21.70 -0.69 -9.86
CA LYS A 211 20.92 -1.89 -10.14
C LYS A 211 21.83 -2.97 -10.72
N PHE A 212 21.54 -4.22 -10.39
CA PHE A 212 22.38 -5.35 -10.73
C PHE A 212 21.59 -6.63 -10.52
N GLN A 213 22.25 -7.77 -10.63
CA GLN A 213 21.63 -9.06 -10.36
C GLN A 213 22.70 -10.02 -9.82
N VAL A 214 22.32 -10.82 -8.83
CA VAL A 214 23.19 -11.85 -8.27
C VAL A 214 22.35 -13.10 -8.05
N ASP A 215 22.81 -14.23 -8.59
CA ASP A 215 22.13 -15.51 -8.47
C ASP A 215 20.68 -15.42 -8.94
N LYS A 216 20.50 -14.77 -10.10
CA LYS A 216 19.22 -14.62 -10.76
C LYS A 216 18.19 -13.88 -9.92
N VAL A 217 18.63 -13.03 -9.00
CA VAL A 217 17.77 -12.17 -8.20
C VAL A 217 18.11 -10.73 -8.52
N ASN A 218 17.13 -10.00 -9.06
CA ASN A 218 17.36 -8.60 -9.43
C ASN A 218 17.27 -7.72 -8.20
N PHE A 219 18.25 -6.83 -8.05
CA PHE A 219 18.31 -5.90 -6.93
C PHE A 219 18.24 -4.46 -7.43
N HIS A 220 17.45 -3.64 -6.75
CA HIS A 220 17.44 -2.20 -6.94
C HIS A 220 17.83 -1.54 -5.63
N MET A 221 18.83 -0.67 -5.67
CA MET A 221 19.45 -0.13 -4.47
C MET A 221 19.28 1.38 -4.44
N PHE A 222 18.84 1.92 -3.30
CA PHE A 222 18.61 3.36 -3.14
C PHE A 222 19.39 3.89 -1.94
N ASP A 223 20.50 4.58 -2.21
CA ASP A 223 21.15 5.38 -1.19
C ASP A 223 20.49 6.75 -1.15
N VAL A 224 20.30 7.29 0.05
CA VAL A 224 19.38 8.39 0.22
C VAL A 224 20.03 9.46 1.08
N GLY A 225 21.32 9.32 1.36
CA GLY A 225 22.03 10.34 2.10
C GLY A 225 22.21 11.63 1.36
N ALA A 226 22.12 11.61 0.02
CA ALA A 226 22.27 12.81 -0.78
C ALA A 226 21.11 13.77 -0.64
N GLN A 227 19.97 13.32 -0.11
CA GLN A 227 18.89 14.22 0.26
C GLN A 227 19.34 15.04 1.46
N ARG A 228 19.44 16.35 1.28
CA ARG A 228 20.23 17.18 2.19
C ARG A 228 19.65 17.22 3.59
N ASP A 229 18.34 17.38 3.72
CA ASP A 229 17.77 17.62 5.04
C ASP A 229 16.31 17.23 5.08
N GLU A 230 15.79 17.12 6.31
CA GLU A 230 14.38 16.90 6.62
C GLU A 230 13.89 15.57 6.00
N ARG A 231 14.44 14.49 6.55
CA ARG A 231 14.02 13.14 6.21
C ARG A 231 12.62 12.81 6.71
N ARG A 232 12.04 13.67 7.55
CA ARG A 232 10.81 13.32 8.26
C ARG A 232 9.62 13.14 7.33
N LYS A 233 9.46 14.03 6.35
CA LYS A 233 8.20 14.11 5.61
C LYS A 233 8.32 13.66 4.15
N TRP A 234 9.31 12.82 3.85
CA TRP A 234 9.33 12.09 2.59
C TRP A 234 9.78 10.65 2.73
N ILE A 235 10.05 10.18 3.95
CA ILE A 235 10.47 8.80 4.17
C ILE A 235 9.36 7.79 3.97
N GLN A 236 8.11 8.26 3.86
CA GLN A 236 6.99 7.35 3.61
C GLN A 236 7.03 6.71 2.24
N CYS A 237 7.87 7.22 1.33
CA CYS A 237 8.02 6.61 0.01
C CYS A 237 8.79 5.30 0.05
N PHE A 238 9.42 4.97 1.18
CA PHE A 238 10.26 3.79 1.29
C PHE A 238 9.70 2.79 2.29
N ASN A 239 8.39 2.78 2.51
CA ASN A 239 7.81 1.79 3.41
C ASN A 239 7.61 0.44 2.76
N ASP A 240 7.72 0.36 1.43
CA ASP A 240 7.53 -0.90 0.71
C ASP A 240 8.85 -1.63 0.47
N VAL A 241 9.97 -1.14 1.01
CA VAL A 241 11.24 -1.81 0.81
C VAL A 241 11.29 -3.09 1.64
N THR A 242 12.09 -4.04 1.18
CA THR A 242 12.18 -5.33 1.87
C THR A 242 13.03 -5.23 3.12
N ALA A 243 14.15 -4.51 3.05
CA ALA A 243 15.07 -4.38 4.17
C ALA A 243 15.88 -3.11 4.02
N ILE A 244 16.46 -2.67 5.14
CA ILE A 244 17.31 -1.47 5.17
C ILE A 244 18.75 -1.93 5.39
N ILE A 245 19.65 -1.45 4.54
CA ILE A 245 21.08 -1.72 4.69
C ILE A 245 21.65 -0.54 5.49
N PHE A 246 21.67 -0.69 6.81
CA PHE A 246 22.16 0.36 7.71
C PHE A 246 23.65 0.16 7.94
N VAL A 247 24.46 1.04 7.36
CA VAL A 247 25.91 0.91 7.42
C VAL A 247 26.43 1.88 8.47
N VAL A 248 27.19 1.37 9.44
CA VAL A 248 27.80 2.16 10.49
C VAL A 248 29.26 1.76 10.60
N ALA A 249 30.15 2.74 10.59
CA ALA A 249 31.58 2.48 10.78
C ALA A 249 31.83 2.16 12.23
N SER A 250 32.16 0.90 12.52
CA SER A 250 32.41 0.50 13.90
C SER A 250 33.67 1.14 14.47
N SER A 251 34.59 1.59 13.62
CA SER A 251 35.85 2.16 14.06
C SER A 251 35.80 3.68 14.17
N SER A 252 34.65 4.30 13.95
CA SER A 252 34.56 5.75 13.82
C SER A 252 34.02 6.53 15.00
N TYR A 253 33.91 5.93 16.19
CA TYR A 253 33.45 6.72 17.33
C TYR A 253 34.52 7.68 17.84
N ASN A 254 35.78 7.23 17.84
CA ASN A 254 36.88 8.12 18.20
C ASN A 254 36.95 9.22 17.15
N MET A 255 36.86 8.84 15.88
CA MET A 255 36.89 9.81 14.79
C MET A 255 35.51 9.96 14.16
N THR A 263 34.68 13.57 18.25
CA THR A 263 33.25 13.71 18.45
C THR A 263 32.60 12.36 18.74
N ASN A 264 31.42 12.39 19.36
CA ASN A 264 30.68 11.17 19.69
C ASN A 264 29.79 10.75 18.51
N ARG A 265 30.46 10.39 17.41
CA ARG A 265 29.74 10.03 16.20
C ARG A 265 28.97 8.73 16.37
N LEU A 266 29.49 7.80 17.15
CA LEU A 266 28.80 6.52 17.31
C LEU A 266 27.52 6.68 18.12
N GLN A 267 27.47 7.66 19.02
CA GLN A 267 26.20 7.97 19.68
C GLN A 267 25.18 8.52 18.68
N ALA A 268 25.65 9.31 17.71
CA ALA A 268 24.77 9.77 16.65
C ALA A 268 24.26 8.60 15.80
N ALA A 269 25.14 7.62 15.54
CA ALA A 269 24.70 6.41 14.84
C ALA A 269 23.66 5.65 15.67
N LEU A 270 23.86 5.58 16.98
CA LEU A 270 22.88 4.96 17.87
C LEU A 270 21.53 5.64 17.77
N LYS A 271 21.50 6.97 17.88
CA LYS A 271 20.22 7.66 17.85
C LYS A 271 19.57 7.58 16.48
N LEU A 272 20.36 7.59 15.41
CA LEU A 272 19.80 7.43 14.07
C LEU A 272 19.20 6.05 13.89
N PHE A 273 19.89 5.01 14.36
CA PHE A 273 19.36 3.66 14.28
C PHE A 273 18.08 3.52 15.09
N ASP A 274 18.06 4.10 16.29
CA ASP A 274 16.86 4.05 17.11
C ASP A 274 15.69 4.77 16.43
N SER A 275 15.96 5.92 15.82
CA SER A 275 14.90 6.65 15.12
C SER A 275 14.38 5.87 13.93
N ILE A 276 15.27 5.21 13.18
CA ILE A 276 14.83 4.56 11.95
C ILE A 276 14.15 3.23 12.24
N TRP A 277 14.53 2.54 13.32
CA TRP A 277 13.92 1.24 13.58
C TRP A 277 12.49 1.39 14.10
N ASN A 278 12.26 2.33 15.01
CA ASN A 278 10.93 2.59 15.54
C ASN A 278 10.09 3.48 14.64
N ASN A 279 10.53 3.71 13.40
CA ASN A 279 9.75 4.48 12.45
C ASN A 279 8.43 3.77 12.15
N LYS A 280 7.35 4.55 12.08
CA LYS A 280 6.04 3.96 11.84
C LYS A 280 5.96 3.34 10.45
N TRP A 281 6.56 3.99 9.45
CA TRP A 281 6.52 3.46 8.09
C TRP A 281 7.35 2.19 7.93
N LEU A 282 8.35 1.97 8.78
CA LEU A 282 9.30 0.88 8.62
C LEU A 282 9.29 -0.06 9.83
N ARG A 283 8.14 -0.21 10.48
CA ARG A 283 8.01 -1.17 11.56
C ARG A 283 7.88 -2.61 11.06
N ASP A 284 7.51 -2.79 9.80
CA ASP A 284 7.33 -4.12 9.21
C ASP A 284 8.44 -4.45 8.21
N THR A 285 9.65 -3.94 8.45
CA THR A 285 10.75 -4.10 7.51
C THR A 285 12.01 -4.50 8.27
N SER A 286 12.80 -5.39 7.67
CA SER A 286 14.02 -5.88 8.29
C SER A 286 15.15 -4.86 8.13
N VAL A 287 16.23 -5.10 8.86
CA VAL A 287 17.43 -4.26 8.81
C VAL A 287 18.64 -5.16 8.59
N ILE A 288 19.38 -4.89 7.53
CA ILE A 288 20.64 -5.60 7.25
C ILE A 288 21.75 -4.68 7.74
N LEU A 289 22.13 -4.86 9.00
CA LEU A 289 23.13 -3.99 9.62
C LEU A 289 24.52 -4.29 9.06
N PHE A 290 25.39 -3.28 9.13
CA PHE A 290 26.79 -3.44 8.81
C PHE A 290 27.63 -2.68 9.83
N LEU A 291 28.84 -3.18 10.05
CA LEU A 291 29.79 -2.62 11.01
C LEU A 291 31.16 -2.49 10.35
N ASN A 292 31.17 -1.84 9.19
CA ASN A 292 32.30 -1.82 8.26
C ASN A 292 33.58 -1.31 8.90
N LYS A 293 34.70 -1.57 8.20
CA LYS A 293 36.08 -1.33 8.62
C LYS A 293 36.30 -1.71 10.09
N GLN A 294 36.12 -3.01 10.35
CA GLN A 294 36.53 -3.59 11.63
C GLN A 294 38.04 -3.63 11.79
N ASP A 295 38.80 -3.61 10.69
CA ASP A 295 40.25 -3.65 10.78
C ASP A 295 40.79 -2.39 11.43
N LEU A 296 40.21 -1.23 11.11
CA LEU A 296 40.62 0.00 11.78
C LEU A 296 40.22 -0.02 13.25
N LEU A 297 39.11 -0.67 13.59
CA LEU A 297 38.76 -0.85 14.99
C LEU A 297 39.82 -1.69 15.71
N ALA A 298 40.28 -2.76 15.07
CA ALA A 298 41.32 -3.59 15.67
C ALA A 298 42.62 -2.80 15.82
N GLU A 299 42.97 -2.00 14.82
CA GLU A 299 44.18 -1.19 14.90
C GLU A 299 44.09 -0.16 16.02
N LYS A 300 42.92 0.45 16.20
CA LYS A 300 42.76 1.46 17.23
C LYS A 300 42.70 0.82 18.63
N VAL A 301 42.05 -0.33 18.74
CA VAL A 301 41.99 -1.03 20.03
C VAL A 301 43.38 -1.50 20.44
N LEU A 302 44.14 -2.04 19.49
CA LEU A 302 45.51 -2.47 19.77
C LEU A 302 46.44 -1.32 20.08
N ALA A 303 46.03 -0.07 19.80
CA ALA A 303 46.79 1.07 20.26
C ALA A 303 46.72 1.25 21.78
N GLY A 304 45.77 0.60 22.44
CA GLY A 304 45.69 0.60 23.88
C GLY A 304 44.85 1.70 24.50
N LYS A 305 44.43 2.70 23.71
CA LYS A 305 43.67 3.82 24.24
C LYS A 305 42.27 3.91 23.65
N SER A 306 42.11 3.69 22.35
CA SER A 306 40.83 3.94 21.69
C SER A 306 39.87 2.77 21.85
N LYS A 307 39.70 2.32 23.09
CA LYS A 307 38.71 1.28 23.36
C LYS A 307 37.31 1.89 23.34
N ILE A 308 36.32 1.04 23.05
CA ILE A 308 34.95 1.53 22.84
C ILE A 308 34.25 1.98 24.11
N GLU A 309 34.90 1.85 25.28
CA GLU A 309 34.25 2.29 26.52
C GLU A 309 34.13 3.80 26.60
N ASP A 310 34.94 4.53 25.83
CA ASP A 310 34.84 5.99 25.83
C ASP A 310 33.48 6.47 25.36
N TYR A 311 32.88 5.79 24.39
CA TYR A 311 31.57 6.14 23.88
C TYR A 311 30.54 5.03 24.07
N PHE A 312 30.93 3.92 24.69
CA PHE A 312 29.99 2.95 25.27
C PHE A 312 30.43 2.69 26.70
N PRO A 313 30.04 3.56 27.64
CA PRO A 313 30.54 3.43 29.02
C PRO A 313 30.08 2.18 29.75
N GLU A 314 29.34 1.31 29.08
CA GLU A 314 28.84 0.07 29.68
C GLU A 314 29.56 -1.16 29.14
N PHE A 315 30.79 -1.00 28.64
CA PHE A 315 31.51 -2.12 28.05
C PHE A 315 32.05 -3.10 29.08
N ALA A 316 32.35 -2.62 30.29
CA ALA A 316 33.17 -3.39 31.24
C ALA A 316 32.59 -4.76 31.57
N ARG A 317 31.30 -4.99 31.29
CA ARG A 317 30.64 -6.24 31.62
C ARG A 317 30.60 -7.24 30.46
N TYR A 318 31.03 -6.84 29.26
CA TYR A 318 30.88 -7.70 28.10
C TYR A 318 32.10 -8.59 27.91
N THR A 319 31.87 -9.74 27.27
CA THR A 319 32.93 -10.69 26.96
C THR A 319 32.80 -11.23 25.55
N ARG A 333 40.15 -9.82 22.56
CA ARG A 333 39.86 -8.42 22.86
C ARG A 333 39.13 -7.76 21.71
N VAL A 334 39.63 -7.96 20.49
CA VAL A 334 38.98 -7.39 19.31
C VAL A 334 37.60 -8.01 19.11
N THR A 335 37.49 -9.33 19.26
CA THR A 335 36.19 -9.99 19.15
C THR A 335 35.27 -9.58 20.29
N ARG A 336 35.81 -9.44 21.51
CA ARG A 336 35.00 -9.01 22.65
C ARG A 336 34.48 -7.60 22.45
N ALA A 337 35.33 -6.69 21.97
CA ALA A 337 34.93 -5.30 21.79
C ALA A 337 33.99 -5.14 20.60
N LYS A 338 34.23 -5.89 19.53
CA LYS A 338 33.42 -5.73 18.31
C LYS A 338 31.98 -6.19 18.53
N TYR A 339 31.78 -7.21 19.37
CA TYR A 339 30.44 -7.76 19.55
C TYR A 339 29.57 -6.87 20.44
N PHE A 340 30.18 -6.09 21.34
CA PHE A 340 29.39 -5.16 22.14
C PHE A 340 28.80 -4.06 21.28
N ILE A 341 29.57 -3.55 20.32
CA ILE A 341 29.01 -2.62 19.34
C ILE A 341 27.89 -3.29 18.55
N ARG A 342 28.07 -4.56 18.19
CA ARG A 342 27.02 -5.31 17.53
C ARG A 342 25.78 -5.44 18.41
N ASP A 343 25.97 -5.77 19.69
CA ASP A 343 24.83 -6.10 20.55
C ASP A 343 24.05 -4.88 20.99
N GLU A 344 24.74 -3.75 21.25
CA GLU A 344 24.01 -2.54 21.63
C GLU A 344 23.29 -1.92 20.46
N PHE A 345 23.69 -2.21 19.22
CA PHE A 345 22.84 -1.91 18.08
C PHE A 345 21.63 -2.82 18.05
N LEU A 346 21.77 -4.05 18.55
CA LEU A 346 20.65 -4.98 18.59
C LEU A 346 19.63 -4.62 19.66
N ARG A 347 20.04 -3.88 20.70
CA ARG A 347 19.09 -3.48 21.74
C ARG A 347 17.96 -2.63 21.18
N ILE A 348 18.24 -1.86 20.14
CA ILE A 348 17.20 -1.04 19.51
C ILE A 348 16.12 -1.93 18.92
N SER A 349 16.51 -3.00 18.24
CA SER A 349 15.52 -3.91 17.66
C SER A 349 14.97 -4.89 18.69
N THR A 350 15.77 -5.27 19.70
CA THR A 350 15.36 -6.31 20.63
C THR A 350 14.47 -5.75 21.75
N ALA A 351 14.88 -4.65 22.37
CA ALA A 351 14.08 -4.06 23.44
C ALA A 351 12.75 -3.53 22.91
N SER A 352 12.75 -3.00 21.68
CA SER A 352 11.49 -2.62 21.05
C SER A 352 10.62 -3.84 20.82
N GLY A 353 11.23 -4.96 20.42
CA GLY A 353 10.51 -6.20 20.24
C GLY A 353 9.50 -6.17 19.11
N ASP A 354 10.01 -6.05 17.87
CA ASP A 354 9.12 -6.01 16.72
C ASP A 354 8.38 -7.33 16.54
N GLY A 355 9.07 -8.45 16.76
CA GLY A 355 8.44 -9.75 16.61
C GLY A 355 8.18 -10.18 15.18
N ARG A 356 8.70 -9.45 14.20
CA ARG A 356 8.47 -9.77 12.80
C ARG A 356 9.78 -9.86 12.04
N HIS A 357 10.78 -9.11 12.49
CA HIS A 357 12.07 -9.04 11.82
C HIS A 357 13.17 -9.03 12.88
N TYR A 358 14.42 -9.10 12.43
CA TYR A 358 15.54 -9.05 13.36
C TYR A 358 16.75 -8.42 12.67
N CYS A 359 17.65 -7.88 13.48
CA CYS A 359 18.81 -7.14 13.00
C CYS A 359 20.06 -7.99 13.12
N TYR A 360 20.99 -7.81 12.17
CA TYR A 360 22.18 -8.64 12.07
C TYR A 360 23.31 -7.96 11.31
N PRO A 361 24.43 -7.68 11.97
CA PRO A 361 25.57 -7.03 11.30
C PRO A 361 26.44 -8.04 10.58
N HIS A 362 27.50 -7.53 9.95
CA HIS A 362 28.46 -8.37 9.22
C HIS A 362 29.78 -7.61 9.17
N PHE A 363 30.73 -8.03 10.00
CA PHE A 363 32.02 -7.36 10.10
C PHE A 363 32.76 -7.44 8.77
N THR A 364 33.06 -6.27 8.17
CA THR A 364 33.74 -6.22 6.90
C THR A 364 34.81 -5.14 6.92
N CYS A 365 35.99 -5.47 6.40
CA CYS A 365 36.99 -4.46 6.08
C CYS A 365 36.75 -4.00 4.64
N ALA A 366 37.72 -3.30 4.05
CA ALA A 366 37.49 -2.66 2.76
C ALA A 366 37.59 -3.61 1.58
N VAL A 367 38.00 -4.87 1.78
CA VAL A 367 38.30 -5.73 0.64
C VAL A 367 37.60 -7.09 0.72
N ASP A 368 36.62 -7.21 1.60
CA ASP A 368 35.84 -8.46 1.67
C ASP A 368 34.88 -8.56 0.50
N THR A 369 34.85 -9.73 -0.12
CA THR A 369 34.02 -9.98 -1.30
C THR A 369 32.68 -10.61 -0.97
N GLU A 370 32.37 -10.83 0.31
CA GLU A 370 31.16 -11.54 0.70
C GLU A 370 30.01 -10.62 1.07
N ASN A 371 30.15 -9.30 0.83
CA ASN A 371 29.09 -8.38 1.20
C ASN A 371 27.82 -8.63 0.40
N ILE A 372 27.95 -8.75 -0.93
CA ILE A 372 26.77 -8.96 -1.77
C ILE A 372 26.19 -10.34 -1.55
N ARG A 373 27.04 -11.34 -1.36
CA ARG A 373 26.54 -12.68 -1.04
C ARG A 373 25.79 -12.69 0.28
N ARG A 374 26.31 -11.96 1.29
CA ARG A 374 25.61 -11.85 2.56
C ARG A 374 24.26 -11.17 2.40
N VAL A 375 24.21 -10.10 1.60
CA VAL A 375 22.94 -9.40 1.38
C VAL A 375 21.95 -10.31 0.67
N PHE A 376 22.41 -11.08 -0.31
CA PHE A 376 21.53 -12.00 -1.03
C PHE A 376 20.99 -13.09 -0.10
N ASN A 377 21.85 -13.66 0.73
CA ASN A 377 21.39 -14.66 1.69
C ASN A 377 20.38 -14.06 2.66
N ASP A 378 20.61 -12.81 3.06
CA ASP A 378 19.71 -12.14 3.99
C ASP A 378 18.34 -11.88 3.37
N CYS A 379 18.32 -11.47 2.10
CA CYS A 379 17.06 -11.27 1.41
C CYS A 379 16.31 -12.58 1.26
N ARG A 380 17.03 -13.67 0.95
CA ARG A 380 16.41 -14.99 0.90
C ARG A 380 15.81 -15.37 2.24
N ASP A 381 16.54 -15.07 3.33
CA ASP A 381 16.03 -15.35 4.68
C ASP A 381 14.77 -14.55 4.98
N ILE A 382 14.76 -13.28 4.61
CA ILE A 382 13.59 -12.43 4.87
C ILE A 382 12.39 -12.91 4.07
N ILE A 383 12.61 -13.32 2.82
CA ILE A 383 11.51 -13.87 2.01
C ILE A 383 10.99 -15.16 2.62
N GLN A 384 11.89 -16.01 3.14
CA GLN A 384 11.46 -17.22 3.82
C GLN A 384 10.61 -16.90 5.05
N ARG A 385 11.01 -15.90 5.83
CA ARG A 385 10.21 -15.50 6.98
C ARG A 385 8.85 -14.98 6.55
N MET A 386 8.80 -14.19 5.47
CA MET A 386 7.53 -13.67 4.96
C MET A 386 6.61 -14.81 4.56
N HIS A 387 7.15 -15.81 3.86
CA HIS A 387 6.34 -16.97 3.47
C HIS A 387 5.86 -17.76 4.67
N LEU A 388 6.75 -18.01 5.64
CA LEU A 388 6.36 -18.79 6.80
C LEU A 388 5.37 -18.03 7.69
N ARG A 389 5.34 -16.70 7.60
CA ARG A 389 4.34 -15.94 8.35
C ARG A 389 3.03 -15.81 7.59
N GLN A 390 3.07 -15.80 6.26
CA GLN A 390 1.84 -15.73 5.47
C GLN A 390 0.99 -16.97 5.68
N TYR A 391 1.60 -18.14 5.61
CA TYR A 391 0.94 -19.40 5.93
C TYR A 391 1.06 -19.72 7.41
N GLU A 392 1.69 -18.83 8.17
CA GLU A 392 1.67 -18.84 9.63
C GLU A 392 2.24 -20.13 10.19
N LEU A 393 3.37 -20.55 9.62
CA LEU A 393 4.26 -21.55 10.19
C LEU A 393 5.39 -20.90 10.99
N LEU A 394 5.36 -19.58 11.14
CA LEU A 394 6.36 -18.87 11.93
C LEU A 394 5.66 -17.95 12.93
N GLU B 22 17.31 45.94 14.54
CA GLU B 22 16.05 46.66 14.37
C GLU B 22 14.96 45.72 13.84
N ALA B 23 15.33 44.89 12.87
CA ALA B 23 14.36 43.98 12.26
C ALA B 23 13.96 42.84 13.20
N GLU B 24 14.74 42.57 14.23
CA GLU B 24 14.36 41.55 15.21
C GLU B 24 13.16 41.97 16.04
N GLN B 25 12.85 43.26 16.06
CA GLN B 25 11.67 43.77 16.75
C GLN B 25 10.75 44.57 15.82
N LEU B 26 11.08 44.68 14.53
CA LEU B 26 10.25 45.41 13.59
C LEU B 26 8.91 44.73 13.34
N LYS B 27 8.82 43.43 13.61
CA LYS B 27 7.55 42.71 13.50
C LYS B 27 6.53 43.17 14.55
N ASN B 28 6.97 43.88 15.58
CA ASN B 28 6.03 44.39 16.58
C ASN B 28 5.07 45.39 15.96
N GLN B 29 5.56 46.28 15.09
CA GLN B 29 4.68 47.23 14.43
C GLN B 29 3.68 46.51 13.52
N ILE B 30 4.14 45.50 12.79
CA ILE B 30 3.26 44.73 11.92
C ILE B 30 2.18 44.04 12.73
N ARG B 31 2.55 43.44 13.86
CA ARG B 31 1.58 42.75 14.71
C ARG B 31 0.59 43.74 15.32
N ASP B 32 1.07 44.92 15.73
CA ASP B 32 0.19 45.93 16.30
C ASP B 32 -0.82 46.42 15.27
N ALA B 33 -0.36 46.70 14.04
CA ALA B 33 -1.28 47.12 12.98
C ALA B 33 -2.25 46.01 12.62
N ARG B 34 -1.77 44.75 12.61
CA ARG B 34 -2.64 43.62 12.32
C ARG B 34 -3.74 43.47 13.37
N LYS B 35 -3.38 43.65 14.65
CA LYS B 35 -4.38 43.52 15.70
C LYS B 35 -5.35 44.71 15.69
N ALA B 36 -4.85 45.92 15.47
CA ALA B 36 -5.70 47.10 15.46
C ALA B 36 -6.61 47.15 14.24
N CYS B 37 -6.24 46.48 13.15
CA CYS B 37 -7.06 46.45 11.96
C CYS B 37 -8.25 45.50 12.08
N ALA B 38 -8.25 44.61 13.07
CA ALA B 38 -9.32 43.64 13.26
C ALA B 38 -10.53 44.35 13.85
N ASP B 39 -11.41 44.83 12.97
CA ASP B 39 -12.63 45.51 13.38
C ASP B 39 -13.87 44.65 13.25
N ALA B 40 -13.98 43.84 12.19
CA ALA B 40 -15.15 42.98 11.97
C ALA B 40 -14.67 41.62 11.50
N THR B 41 -14.87 40.61 12.35
CA THR B 41 -14.48 39.25 12.03
C THR B 41 -15.38 38.69 10.93
N LEU B 42 -14.83 37.79 10.11
CA LEU B 42 -15.61 37.14 9.07
C LEU B 42 -16.77 36.36 9.66
N SER B 43 -16.53 35.65 10.76
CA SER B 43 -17.59 34.87 11.41
C SER B 43 -18.64 35.75 12.09
N GLN B 44 -18.37 37.03 12.27
CA GLN B 44 -19.31 37.93 12.92
C GLN B 44 -20.24 38.65 11.94
N ILE B 45 -20.04 38.48 10.64
CA ILE B 45 -20.80 39.24 9.66
C ILE B 45 -21.46 38.37 8.59
N THR B 46 -21.00 37.15 8.34
CA THR B 46 -21.57 36.33 7.28
C THR B 46 -22.88 35.67 7.67
N ASN B 47 -23.49 36.06 8.79
CA ASN B 47 -24.75 35.46 9.23
C ASN B 47 -25.95 35.95 8.45
N ASN B 48 -25.76 36.88 7.50
CA ASN B 48 -26.85 37.27 6.60
C ASN B 48 -27.25 36.15 5.66
N ILE B 49 -26.44 35.10 5.55
CA ILE B 49 -26.74 33.94 4.71
C ILE B 49 -26.87 32.73 5.62
N ASP B 50 -28.01 32.04 5.51
CA ASP B 50 -28.19 30.80 6.24
C ASP B 50 -27.28 29.72 5.65
N PRO B 51 -26.98 28.67 6.42
CA PRO B 51 -26.11 27.60 5.90
C PRO B 51 -26.71 26.96 4.65
N VAL B 52 -25.82 26.60 3.72
CA VAL B 52 -26.25 26.03 2.45
C VAL B 52 -26.85 24.64 2.62
N GLY B 53 -26.55 23.97 3.73
CA GLY B 53 -27.03 22.63 3.96
C GLY B 53 -26.02 21.58 3.51
N ARG B 54 -26.26 20.35 3.97
CA ARG B 54 -25.34 19.26 3.65
C ARG B 54 -25.34 18.96 2.15
N ILE B 55 -24.16 18.66 1.63
CA ILE B 55 -23.99 18.37 0.21
C ILE B 55 -23.99 16.85 0.03
N GLN B 56 -24.57 16.40 -1.08
CA GLN B 56 -24.76 14.98 -1.36
C GLN B 56 -23.77 14.48 -2.40
N MET B 57 -22.52 14.92 -2.30
CA MET B 57 -21.49 14.58 -3.28
C MET B 57 -21.32 13.08 -3.39
N ARG B 58 -21.23 12.58 -4.62
CA ARG B 58 -21.08 11.16 -4.89
C ARG B 58 -20.11 10.96 -6.05
N THR B 59 -19.53 9.77 -6.11
CA THR B 59 -18.52 9.45 -7.12
C THR B 59 -19.18 9.12 -8.45
N ARG B 60 -18.71 9.77 -9.52
CA ARG B 60 -19.20 9.49 -10.87
C ARG B 60 -18.29 8.55 -11.65
N ARG B 61 -16.98 8.75 -11.60
CA ARG B 61 -16.03 7.92 -12.32
C ARG B 61 -14.92 7.47 -11.37
N THR B 62 -14.32 6.34 -11.72
CA THR B 62 -13.16 5.82 -11.00
C THR B 62 -12.07 5.48 -12.00
N LEU B 63 -10.82 5.61 -11.56
CA LEU B 63 -9.67 5.43 -12.42
C LEU B 63 -8.71 4.45 -11.76
N ARG B 64 -8.29 3.42 -12.51
CA ARG B 64 -7.51 2.34 -11.93
C ARG B 64 -6.28 1.97 -12.77
N GLY B 65 -5.81 2.86 -13.65
CA GLY B 65 -4.68 2.52 -14.49
C GLY B 65 -3.37 2.38 -13.74
N HIS B 66 -3.14 3.28 -12.77
CA HIS B 66 -1.88 3.27 -12.04
C HIS B 66 -1.84 2.09 -11.07
N LEU B 67 -0.62 1.78 -10.60
CA LEU B 67 -0.40 0.57 -9.82
C LEU B 67 0.49 0.81 -8.60
N ALA B 68 0.54 2.04 -8.09
CA ALA B 68 1.29 2.37 -6.88
C ALA B 68 0.69 3.63 -6.28
N LYS B 69 1.35 4.16 -5.25
CA LYS B 69 0.84 5.33 -4.55
C LYS B 69 0.75 6.53 -5.49
N ILE B 70 -0.39 7.21 -5.45
CA ILE B 70 -0.58 8.46 -6.19
C ILE B 70 -0.14 9.61 -5.30
N TYR B 71 0.74 10.46 -5.80
CA TYR B 71 1.29 11.54 -5.00
C TYR B 71 0.85 12.92 -5.44
N ALA B 72 0.39 13.09 -6.68
CA ALA B 72 0.01 14.41 -7.17
C ALA B 72 -0.99 14.26 -8.31
N MET B 73 -1.59 15.39 -8.68
CA MET B 73 -2.65 15.46 -9.67
C MET B 73 -2.92 16.92 -9.99
N HIS B 74 -3.25 17.18 -11.25
CA HIS B 74 -3.57 18.53 -11.70
C HIS B 74 -4.61 18.45 -12.81
N TRP B 75 -5.52 19.41 -12.80
CA TRP B 75 -6.54 19.54 -13.85
C TRP B 75 -6.05 20.51 -14.91
N GLY B 76 -6.34 20.20 -16.17
CA GLY B 76 -6.07 21.15 -17.22
C GLY B 76 -7.08 22.29 -17.25
N THR B 77 -6.71 23.36 -17.93
CA THR B 77 -7.67 24.44 -18.14
C THR B 77 -8.84 23.96 -19.00
N ASP B 78 -8.57 23.12 -19.99
CA ASP B 78 -9.63 22.39 -20.66
C ASP B 78 -10.17 21.36 -19.68
N SER B 79 -11.50 21.29 -19.56
CA SER B 79 -12.14 20.47 -18.54
C SER B 79 -12.00 18.97 -18.80
N ARG B 80 -11.58 18.57 -20.00
CA ARG B 80 -11.62 17.16 -20.37
C ARG B 80 -10.54 16.34 -19.65
N LEU B 81 -9.28 16.73 -19.80
CA LEU B 81 -8.17 15.87 -19.45
C LEU B 81 -7.79 15.99 -17.97
N LEU B 82 -6.80 15.21 -17.58
CA LEU B 82 -6.35 15.10 -16.20
C LEU B 82 -4.96 14.46 -16.21
N VAL B 83 -4.15 14.78 -15.22
CA VAL B 83 -2.80 14.22 -15.10
C VAL B 83 -2.59 13.74 -13.68
N SER B 84 -1.84 12.65 -13.54
CA SER B 84 -1.57 12.07 -12.23
C SER B 84 -0.17 11.46 -12.23
N ALA B 85 0.56 11.69 -11.14
CA ALA B 85 1.92 11.19 -10.97
C ALA B 85 1.96 10.20 -9.83
N SER B 86 2.56 9.04 -10.08
CA SER B 86 2.67 7.98 -9.09
C SER B 86 4.13 7.60 -8.89
N GLN B 87 4.43 7.06 -7.71
CA GLN B 87 5.78 6.65 -7.37
C GLN B 87 6.21 5.35 -8.05
N ASP B 88 5.44 4.84 -9.02
CA ASP B 88 5.86 3.68 -9.80
C ASP B 88 6.72 4.05 -10.99
N GLY B 89 7.02 5.33 -11.18
CA GLY B 89 7.75 5.77 -12.35
C GLY B 89 6.90 6.01 -13.57
N LYS B 90 5.61 6.26 -13.40
CA LYS B 90 4.68 6.46 -14.50
C LYS B 90 3.94 7.78 -14.33
N LEU B 91 3.93 8.58 -15.39
CA LEU B 91 3.08 9.76 -15.47
C LEU B 91 2.04 9.50 -16.56
N ILE B 92 0.78 9.76 -16.24
CA ILE B 92 -0.32 9.37 -17.09
C ILE B 92 -1.25 10.56 -17.31
N ILE B 93 -1.97 10.53 -18.43
CA ILE B 93 -2.94 11.57 -18.77
C ILE B 93 -4.27 10.86 -19.03
N TRP B 94 -5.28 11.20 -18.24
CA TRP B 94 -6.55 10.50 -18.26
C TRP B 94 -7.52 11.15 -19.25
N ASP B 95 -8.78 10.74 -19.17
CA ASP B 95 -9.87 11.35 -19.92
C ASP B 95 -11.09 11.26 -19.01
N SER B 96 -11.41 12.37 -18.34
CA SER B 96 -12.37 12.34 -17.23
C SER B 96 -13.76 11.94 -17.68
N TYR B 97 -14.21 12.44 -18.84
CA TYR B 97 -15.59 12.22 -19.25
C TYR B 97 -15.86 10.74 -19.53
N THR B 98 -15.01 10.11 -20.34
CA THR B 98 -15.05 8.67 -20.58
C THR B 98 -13.70 8.11 -20.15
N THR B 99 -13.70 7.33 -19.07
CA THR B 99 -12.47 6.81 -18.47
C THR B 99 -11.59 6.13 -19.52
N ASN B 100 -10.41 6.70 -19.76
CA ASN B 100 -9.57 6.29 -20.88
C ASN B 100 -8.17 6.82 -20.61
N LYS B 101 -7.22 6.33 -21.41
CA LYS B 101 -5.83 6.75 -21.31
C LYS B 101 -5.44 7.44 -22.61
N VAL B 102 -4.95 8.67 -22.49
CA VAL B 102 -4.41 9.37 -23.66
C VAL B 102 -2.92 9.15 -23.78
N HIS B 103 -2.20 9.22 -22.67
CA HIS B 103 -0.76 9.01 -22.66
C HIS B 103 -0.33 8.48 -21.30
N ALA B 104 0.64 7.57 -21.31
CA ALA B 104 1.30 7.10 -20.10
C ALA B 104 2.77 6.95 -20.43
N ILE B 105 3.61 7.75 -19.79
CA ILE B 105 5.00 7.91 -20.23
C ILE B 105 5.94 7.20 -19.28
N PRO B 106 7.10 6.73 -19.76
CA PRO B 106 8.10 6.15 -18.85
C PRO B 106 8.97 7.24 -18.25
N LEU B 107 9.12 7.21 -16.93
CA LEU B 107 9.92 8.21 -16.24
C LEU B 107 11.36 7.75 -16.10
N ARG B 108 12.27 8.72 -16.01
CA ARG B 108 13.68 8.45 -15.74
C ARG B 108 13.98 8.36 -14.25
N SER B 109 13.00 8.63 -13.39
CA SER B 109 13.14 8.48 -11.96
C SER B 109 11.78 8.15 -11.38
N SER B 110 11.72 7.12 -10.54
CA SER B 110 10.47 6.64 -9.96
C SER B 110 10.20 7.21 -8.57
N TRP B 111 10.64 8.43 -8.30
CA TRP B 111 10.52 9.05 -6.98
C TRP B 111 9.91 10.44 -7.10
N VAL B 112 8.81 10.52 -7.84
CA VAL B 112 8.13 11.79 -8.11
C VAL B 112 6.99 11.95 -7.11
N MET B 113 6.86 13.16 -6.57
CA MET B 113 5.79 13.51 -5.66
C MET B 113 5.10 14.80 -6.07
N THR B 114 5.14 15.12 -7.36
CA THR B 114 4.63 16.39 -7.86
C THR B 114 4.36 16.26 -9.36
N CYS B 115 3.25 16.84 -9.80
CA CYS B 115 2.98 16.98 -11.22
C CYS B 115 2.16 18.23 -11.46
N ALA B 116 2.20 18.73 -12.69
CA ALA B 116 1.49 19.95 -13.04
C ALA B 116 1.20 19.92 -14.54
N TYR B 117 0.03 20.43 -14.91
CA TYR B 117 -0.41 20.46 -16.30
C TYR B 117 -0.36 21.91 -16.78
N ALA B 118 0.22 22.12 -17.96
CA ALA B 118 0.32 23.47 -18.48
C ALA B 118 -1.06 24.01 -18.86
N PRO B 119 -1.33 25.29 -18.61
CA PRO B 119 -2.63 25.85 -19.03
C PRO B 119 -2.85 25.78 -20.53
N SER B 120 -1.80 25.91 -21.33
CA SER B 120 -1.93 25.83 -22.77
C SER B 120 -2.31 24.42 -23.26
N GLY B 121 -2.18 23.41 -22.42
CA GLY B 121 -2.51 22.06 -22.80
C GLY B 121 -1.44 21.32 -23.57
N ASN B 122 -0.21 21.85 -23.61
CA ASN B 122 0.86 21.23 -24.36
C ASN B 122 1.93 20.57 -23.51
N TYR B 123 2.19 21.09 -22.30
CA TYR B 123 3.28 20.63 -21.49
C TYR B 123 2.77 20.00 -20.19
N VAL B 124 3.56 19.07 -19.67
CA VAL B 124 3.33 18.49 -18.34
C VAL B 124 4.69 18.41 -17.65
N ALA B 125 4.71 18.70 -16.35
CA ALA B 125 5.93 18.63 -15.56
C ALA B 125 5.74 17.72 -14.37
N CYS B 126 6.86 17.22 -13.85
CA CYS B 126 6.86 16.40 -12.66
C CYS B 126 8.22 16.51 -11.99
N GLY B 127 8.27 16.10 -10.73
CA GLY B 127 9.51 16.15 -9.97
C GLY B 127 9.33 15.46 -8.64
N GLY B 128 10.45 15.32 -7.93
CA GLY B 128 10.41 14.65 -6.65
C GLY B 128 11.76 14.60 -5.95
N LEU B 129 12.12 13.43 -5.44
CA LEU B 129 13.37 13.26 -4.70
C LEU B 129 14.60 13.41 -5.59
N ASP B 130 14.45 13.41 -6.90
CA ASP B 130 15.58 13.52 -7.82
C ASP B 130 16.12 14.94 -7.95
N ASN B 131 15.59 15.88 -7.17
CA ASN B 131 16.09 17.26 -7.11
C ASN B 131 15.98 17.96 -8.46
N ILE B 132 15.00 17.55 -9.27
CA ILE B 132 14.95 17.93 -10.67
C ILE B 132 13.50 18.15 -11.09
N CYS B 133 13.27 19.19 -11.89
CA CYS B 133 11.98 19.41 -12.54
C CYS B 133 12.05 18.85 -13.95
N SER B 134 11.31 17.78 -14.20
CA SER B 134 11.26 17.15 -15.52
C SER B 134 10.03 17.64 -16.26
N ILE B 135 10.24 18.18 -17.46
CA ILE B 135 9.18 18.80 -18.25
C ILE B 135 8.98 17.98 -19.51
N TYR B 136 7.75 17.53 -19.74
CA TYR B 136 7.42 16.63 -20.84
C TYR B 136 6.52 17.33 -21.83
N ASN B 137 6.90 17.26 -23.12
CA ASN B 137 6.17 17.91 -24.20
C ASN B 137 5.26 16.89 -24.86
N LEU B 138 3.95 17.18 -24.86
CA LEU B 138 2.97 16.29 -25.46
C LEU B 138 2.73 16.55 -26.93
N LYS B 139 3.17 17.68 -27.46
CA LYS B 139 2.90 18.08 -28.84
C LYS B 139 4.07 17.79 -29.76
N THR B 140 4.77 16.68 -29.54
CA THR B 140 5.91 16.30 -30.38
C THR B 140 5.45 16.09 -31.81
N ARG B 141 6.30 16.49 -32.76
CA ARG B 141 5.98 16.35 -34.18
C ARG B 141 5.77 14.89 -34.57
N GLU B 142 6.44 13.97 -33.88
CA GLU B 142 6.28 12.54 -34.12
C GLU B 142 5.22 11.91 -33.23
N GLY B 143 4.59 12.69 -32.35
CA GLY B 143 3.50 12.18 -31.53
C GLY B 143 3.94 11.58 -30.21
N ASN B 144 5.05 10.85 -30.22
CA ASN B 144 5.52 10.21 -28.99
C ASN B 144 5.97 11.25 -27.98
N VAL B 145 5.54 11.07 -26.73
CA VAL B 145 5.89 12.03 -25.69
C VAL B 145 7.34 11.85 -25.28
N ARG B 146 8.11 12.92 -25.35
CA ARG B 146 9.52 12.92 -24.97
C ARG B 146 9.78 14.07 -24.01
N VAL B 147 10.75 13.87 -23.11
CA VAL B 147 11.15 14.95 -22.22
C VAL B 147 11.74 16.10 -23.03
N SER B 148 11.39 17.33 -22.64
CA SER B 148 11.82 18.52 -23.36
C SER B 148 12.98 19.22 -22.69
N ARG B 149 12.89 19.45 -21.38
CA ARG B 149 13.95 20.13 -20.64
C ARG B 149 14.08 19.50 -19.27
N GLU B 150 15.27 19.68 -18.69
CA GLU B 150 15.58 19.16 -17.35
C GLU B 150 16.07 20.34 -16.51
N LEU B 151 15.38 20.59 -15.40
CA LEU B 151 15.64 21.77 -14.57
C LEU B 151 16.24 21.28 -13.25
N ALA B 152 17.56 21.27 -13.17
CA ALA B 152 18.29 20.58 -12.10
C ALA B 152 19.00 21.53 -11.14
N GLY B 153 18.61 22.81 -11.10
CA GLY B 153 19.31 23.76 -10.27
C GLY B 153 19.04 23.63 -8.79
N HIS B 154 17.95 22.95 -8.41
CA HIS B 154 17.59 22.87 -7.01
C HIS B 154 18.51 21.92 -6.25
N THR B 155 18.66 22.18 -4.95
CA THR B 155 19.45 21.33 -4.06
C THR B 155 18.59 20.73 -2.95
N GLY B 156 17.32 20.49 -3.25
CA GLY B 156 16.39 19.90 -2.30
C GLY B 156 15.22 19.30 -3.06
N TYR B 157 14.55 18.36 -2.41
CA TYR B 157 13.54 17.55 -3.11
C TYR B 157 12.41 18.43 -3.61
N LEU B 158 12.07 18.27 -4.88
CA LEU B 158 11.02 19.08 -5.49
C LEU B 158 9.67 18.65 -4.95
N SER B 159 8.91 19.60 -4.40
CA SER B 159 7.66 19.27 -3.73
C SER B 159 6.43 19.90 -4.38
N CYS B 160 6.57 21.01 -5.08
CA CYS B 160 5.44 21.59 -5.80
C CYS B 160 5.92 22.18 -7.11
N CYS B 161 5.00 22.28 -8.07
CA CYS B 161 5.32 22.77 -9.39
C CYS B 161 4.06 23.34 -10.02
N ARG B 162 4.19 24.49 -10.68
CA ARG B 162 3.07 25.14 -11.35
C ARG B 162 3.57 25.84 -12.60
N PHE B 163 2.75 25.81 -13.65
CA PHE B 163 3.08 26.46 -14.91
C PHE B 163 2.47 27.85 -14.97
N LEU B 164 3.20 28.78 -15.58
CA LEU B 164 2.66 30.09 -15.92
C LEU B 164 2.37 30.23 -17.41
N ASP B 165 3.29 29.77 -18.26
CA ASP B 165 3.15 29.79 -19.71
C ASP B 165 3.89 28.57 -20.26
N ASP B 166 4.13 28.57 -21.56
CA ASP B 166 4.86 27.48 -22.20
C ASP B 166 6.37 27.64 -22.10
N ASN B 167 6.86 28.76 -21.55
CA ASN B 167 8.29 28.98 -21.35
C ASN B 167 8.57 29.62 -20.00
N GLN B 168 7.69 29.38 -19.02
CA GLN B 168 7.78 30.05 -17.72
C GLN B 168 7.16 29.12 -16.69
N ILE B 169 7.82 28.98 -15.54
CA ILE B 169 7.39 27.99 -14.56
C ILE B 169 7.98 28.36 -13.21
N VAL B 170 7.19 28.19 -12.15
CA VAL B 170 7.60 28.48 -10.79
C VAL B 170 7.56 27.18 -10.00
N THR B 171 8.65 26.89 -9.29
CA THR B 171 8.85 25.60 -8.66
C THR B 171 9.11 25.75 -7.17
N SER B 172 8.61 24.80 -6.39
CA SER B 172 8.89 24.67 -4.97
C SER B 172 9.78 23.45 -4.75
N SER B 173 10.59 23.51 -3.70
CA SER B 173 11.52 22.41 -3.40
C SER B 173 11.85 22.40 -1.92
N GLY B 174 12.50 21.32 -1.51
CA GLY B 174 12.89 21.08 -0.14
C GLY B 174 14.15 21.77 0.32
N ASP B 175 14.78 22.56 -0.54
CA ASP B 175 16.01 23.28 -0.20
C ASP B 175 15.73 24.64 0.42
N THR B 176 14.53 24.86 0.98
CA THR B 176 14.13 26.11 1.60
C THR B 176 14.26 27.25 0.58
N THR B 177 13.67 27.03 -0.60
CA THR B 177 13.79 27.97 -1.70
C THR B 177 12.76 27.68 -2.79
N CYS B 178 11.97 28.69 -3.15
CA CYS B 178 11.16 28.62 -4.35
C CYS B 178 11.94 29.23 -5.51
N ALA B 179 11.62 28.78 -6.72
CA ALA B 179 12.41 29.15 -7.89
C ALA B 179 11.50 29.48 -9.06
N LEU B 180 12.06 30.24 -9.99
CA LEU B 180 11.40 30.57 -11.25
C LEU B 180 12.34 30.19 -12.38
N TRP B 181 11.86 29.36 -13.30
CA TRP B 181 12.70 28.79 -14.35
C TRP B 181 12.21 29.25 -15.71
N ASP B 182 13.13 29.71 -16.54
CA ASP B 182 12.87 29.94 -17.96
C ASP B 182 13.18 28.63 -18.69
N ILE B 183 12.15 27.99 -19.24
CA ILE B 183 12.32 26.67 -19.82
C ILE B 183 13.26 26.71 -21.02
N GLU B 184 13.17 27.78 -21.82
CA GLU B 184 14.02 27.88 -23.01
C GLU B 184 15.49 27.94 -22.62
N THR B 185 15.84 28.73 -21.60
CA THR B 185 17.21 28.83 -21.14
C THR B 185 17.55 27.82 -20.05
N GLY B 186 16.55 27.24 -19.40
CA GLY B 186 16.82 26.25 -18.38
C GLY B 186 17.50 26.77 -17.14
N GLN B 187 17.36 28.06 -16.84
CA GLN B 187 18.06 28.70 -15.74
C GLN B 187 17.08 29.18 -14.68
N GLN B 188 17.55 29.21 -13.44
CA GLN B 188 16.78 29.75 -12.32
C GLN B 188 16.78 31.27 -12.44
N THR B 189 15.82 31.78 -13.21
CA THR B 189 15.76 33.21 -13.51
C THR B 189 15.55 34.03 -12.25
N THR B 190 14.64 33.59 -11.37
CA THR B 190 14.34 34.29 -10.14
C THR B 190 14.33 33.29 -8.99
N THR B 191 14.84 33.72 -7.84
CA THR B 191 14.99 32.86 -6.68
C THR B 191 14.33 33.52 -5.47
N PHE B 192 13.62 32.73 -4.67
CA PHE B 192 12.90 33.21 -3.49
C PHE B 192 13.47 32.52 -2.26
N THR B 193 14.33 33.21 -1.53
CA THR B 193 15.00 32.65 -0.36
C THR B 193 14.45 33.19 0.95
N GLY B 194 13.21 33.66 0.97
CA GLY B 194 12.66 34.26 2.18
C GLY B 194 12.34 33.26 3.28
N HIS B 195 12.12 32.00 2.93
CA HIS B 195 11.70 31.00 3.89
C HIS B 195 12.88 30.55 4.77
N THR B 196 12.53 29.93 5.90
CA THR B 196 13.52 29.36 6.80
C THR B 196 13.40 27.84 6.92
N GLY B 197 12.45 27.25 6.20
CA GLY B 197 12.29 25.81 6.15
C GLY B 197 11.86 25.42 4.75
N ASP B 198 11.81 24.11 4.50
CA ASP B 198 11.46 23.65 3.18
C ASP B 198 9.99 23.96 2.87
N VAL B 199 9.71 24.12 1.57
CA VAL B 199 8.41 24.55 1.09
C VAL B 199 7.81 23.44 0.23
N MET B 200 6.54 23.12 0.47
CA MET B 200 5.88 22.01 -0.19
C MET B 200 4.70 22.38 -1.05
N SER B 201 4.01 23.47 -0.76
CA SER B 201 2.81 23.86 -1.49
C SER B 201 3.05 25.16 -2.23
N LEU B 202 2.45 25.27 -3.42
CA LEU B 202 2.66 26.44 -4.26
C LEU B 202 1.53 26.53 -5.27
N SER B 203 0.76 27.62 -5.22
CA SER B 203 -0.29 27.88 -6.18
C SER B 203 -0.23 29.34 -6.61
N LEU B 204 -0.60 29.59 -7.86
CA LEU B 204 -0.53 30.93 -8.44
C LEU B 204 -1.86 31.66 -8.27
N ALA B 205 -1.77 32.98 -8.13
CA ALA B 205 -2.97 33.80 -8.13
C ALA B 205 -3.62 33.76 -9.52
N PRO B 206 -4.93 33.97 -9.60
CA PRO B 206 -5.58 34.00 -10.93
C PRO B 206 -4.99 35.05 -11.86
N ASP B 207 -4.65 36.21 -11.32
CA ASP B 207 -3.79 37.17 -12.03
C ASP B 207 -2.36 36.73 -11.76
N THR B 208 -1.78 36.01 -12.71
CA THR B 208 -0.55 35.26 -12.45
C THR B 208 0.69 36.15 -12.37
N ARG B 209 0.66 37.13 -11.47
CA ARG B 209 1.82 37.94 -11.15
C ARG B 209 2.24 37.82 -9.69
N LEU B 210 1.45 37.15 -8.85
CA LEU B 210 1.81 36.86 -7.47
C LEU B 210 1.44 35.42 -7.17
N PHE B 211 2.09 34.85 -6.15
CA PHE B 211 1.75 33.51 -5.70
C PHE B 211 2.19 33.37 -4.25
N VAL B 212 1.70 32.30 -3.62
CA VAL B 212 1.96 32.02 -2.21
C VAL B 212 2.60 30.64 -2.10
N SER B 213 3.32 30.44 -1.00
CA SER B 213 4.02 29.19 -0.74
C SER B 213 3.86 28.81 0.73
N GLY B 214 3.64 27.52 0.98
CA GLY B 214 3.54 27.00 2.33
C GLY B 214 4.82 26.26 2.71
N ALA B 215 5.11 26.24 4.00
CA ALA B 215 6.37 25.68 4.47
C ALA B 215 6.19 25.01 5.82
N CYS B 216 7.22 24.27 6.22
CA CYS B 216 7.22 23.56 7.50
C CYS B 216 7.62 24.44 8.68
N ASP B 217 8.01 25.70 8.44
CA ASP B 217 8.22 26.65 9.52
C ASP B 217 6.94 27.33 9.95
N ALA B 218 5.78 26.77 9.55
CA ALA B 218 4.46 27.27 9.94
C ALA B 218 4.26 28.71 9.47
N SER B 219 4.45 28.92 8.17
CA SER B 219 4.26 30.24 7.59
C SER B 219 3.86 30.11 6.14
N ALA B 220 3.17 31.14 5.65
CA ALA B 220 2.82 31.26 4.24
C ALA B 220 3.24 32.64 3.76
N LYS B 221 3.99 32.69 2.67
CA LYS B 221 4.57 33.93 2.18
C LYS B 221 4.04 34.25 0.80
N LEU B 222 3.56 35.47 0.62
CA LEU B 222 3.09 35.94 -0.68
C LEU B 222 4.29 36.48 -1.46
N TRP B 223 4.50 35.93 -2.65
CA TRP B 223 5.68 36.22 -3.45
C TRP B 223 5.33 37.15 -4.60
N ASP B 224 6.07 38.24 -4.74
CA ASP B 224 5.94 39.16 -5.86
C ASP B 224 6.84 38.64 -6.97
N VAL B 225 6.22 38.10 -8.03
CA VAL B 225 6.98 37.49 -9.12
C VAL B 225 7.82 38.52 -9.84
N ARG B 226 7.24 39.69 -10.13
CA ARG B 226 7.90 40.66 -10.99
C ARG B 226 9.14 41.28 -10.35
N GLU B 227 9.27 41.21 -9.04
CA GLU B 227 10.48 41.69 -8.36
C GLU B 227 11.22 40.60 -7.60
N GLY B 228 10.64 39.41 -7.46
CA GLY B 228 11.32 38.33 -6.78
C GLY B 228 11.59 38.56 -5.31
N MET B 229 10.63 39.17 -4.61
CA MET B 229 10.79 39.46 -3.20
C MET B 229 9.50 39.11 -2.46
N CYS B 230 9.66 38.64 -1.22
CA CYS B 230 8.50 38.39 -0.38
C CYS B 230 7.77 39.68 -0.09
N ARG B 231 6.44 39.62 -0.09
CA ARG B 231 5.60 40.80 0.12
C ARG B 231 4.87 40.77 1.45
N GLN B 232 4.21 39.66 1.78
CA GLN B 232 3.54 39.51 3.05
C GLN B 232 3.76 38.10 3.61
N THR B 233 3.98 38.02 4.91
CA THR B 233 4.17 36.75 5.60
C THR B 233 3.00 36.48 6.53
N PHE B 234 2.40 35.31 6.41
CA PHE B 234 1.27 34.89 7.22
C PHE B 234 1.70 33.78 8.15
N THR B 235 1.43 33.95 9.45
CA THR B 235 1.98 33.04 10.45
C THR B 235 0.88 32.43 11.32
N GLY B 236 -0.18 31.92 10.68
CA GLY B 236 -1.30 31.39 11.41
C GLY B 236 -1.15 29.95 11.88
N HIS B 237 -0.64 29.09 11.00
CA HIS B 237 -0.59 27.67 11.30
C HIS B 237 0.41 27.34 12.40
N GLU B 238 0.13 26.26 13.12
CA GLU B 238 0.98 25.81 14.21
C GLU B 238 1.91 24.67 13.85
N SER B 239 1.90 24.22 12.60
CA SER B 239 2.74 23.10 12.20
C SER B 239 3.06 23.21 10.71
N ASP B 240 3.58 22.14 10.14
CA ASP B 240 4.02 22.14 8.75
C ASP B 240 2.82 22.30 7.82
N ILE B 241 2.95 23.23 6.87
CA ILE B 241 1.90 23.49 5.89
C ILE B 241 2.13 22.59 4.69
N ASN B 242 1.14 21.78 4.34
CA ASN B 242 1.27 20.83 3.25
C ASN B 242 0.51 21.24 1.99
N ALA B 243 -0.44 22.16 2.11
CA ALA B 243 -1.28 22.52 0.98
C ALA B 243 -1.61 24.00 1.03
N ILE B 244 -1.85 24.58 -0.15
CA ILE B 244 -2.23 25.97 -0.26
C ILE B 244 -2.91 26.15 -1.61
N CYS B 245 -3.88 27.07 -1.68
CA CYS B 245 -4.62 27.32 -2.90
C CYS B 245 -5.29 28.67 -2.80
N PHE B 246 -5.43 29.34 -3.95
CA PHE B 246 -6.01 30.67 -3.99
C PHE B 246 -7.53 30.65 -4.02
N PHE B 247 -8.13 31.63 -3.35
CA PHE B 247 -9.53 31.95 -3.55
C PHE B 247 -9.75 32.40 -4.99
N PRO B 248 -10.90 32.09 -5.59
CA PRO B 248 -11.11 32.48 -7.00
C PRO B 248 -11.02 33.97 -7.25
N ASN B 249 -11.32 34.80 -6.26
CA ASN B 249 -11.15 36.24 -6.42
C ASN B 249 -9.69 36.59 -6.63
N GLY B 250 -8.80 35.97 -5.87
CA GLY B 250 -7.38 36.27 -5.90
C GLY B 250 -6.91 37.11 -4.72
N ASN B 251 -7.83 37.73 -4.00
CA ASN B 251 -7.48 38.52 -2.82
C ASN B 251 -7.33 37.66 -1.58
N ALA B 252 -7.59 36.36 -1.68
CA ALA B 252 -7.50 35.47 -0.52
C ALA B 252 -6.94 34.12 -0.97
N PHE B 253 -6.54 33.32 0.00
CA PHE B 253 -6.11 31.95 -0.27
C PHE B 253 -6.34 31.11 0.97
N ALA B 254 -6.41 29.79 0.76
CA ALA B 254 -6.63 28.84 1.84
C ALA B 254 -5.44 27.90 1.96
N THR B 255 -5.18 27.46 3.19
CA THR B 255 -4.01 26.65 3.51
C THR B 255 -4.44 25.32 4.12
N GLY B 256 -3.47 24.41 4.25
CA GLY B 256 -3.68 23.14 4.90
C GLY B 256 -2.42 22.64 5.56
N SER B 257 -2.50 22.28 6.84
CA SER B 257 -1.32 21.95 7.62
C SER B 257 -1.50 20.63 8.35
N ASP B 258 -0.46 20.25 9.09
CA ASP B 258 -0.47 19.06 9.92
C ASP B 258 -1.09 19.31 11.29
N ASP B 259 -1.51 20.54 11.58
CA ASP B 259 -2.17 20.87 12.83
C ASP B 259 -3.64 20.47 12.82
N ALA B 260 -4.09 19.75 11.79
CA ALA B 260 -5.46 19.29 11.63
C ALA B 260 -6.43 20.47 11.50
N THR B 261 -5.95 21.60 10.99
CA THR B 261 -6.79 22.78 10.76
C THR B 261 -6.47 23.37 9.40
N CYS B 262 -7.49 23.93 8.77
CA CYS B 262 -7.34 24.73 7.57
C CYS B 262 -7.67 26.18 7.89
N ARG B 263 -6.94 27.10 7.26
CA ARG B 263 -7.10 28.52 7.55
C ARG B 263 -7.19 29.30 6.25
N LEU B 264 -7.97 30.38 6.29
CA LEU B 264 -8.17 31.27 5.15
C LEU B 264 -7.50 32.61 5.43
N PHE B 265 -6.65 33.05 4.52
CA PHE B 265 -5.90 34.29 4.68
C PHE B 265 -6.30 35.28 3.59
N ASP B 266 -6.17 36.56 3.92
CA ASP B 266 -6.49 37.66 3.01
C ASP B 266 -5.26 38.51 2.81
N LEU B 267 -4.98 38.89 1.57
CA LEU B 267 -3.81 39.71 1.27
C LEU B 267 -3.97 41.12 1.81
N ARG B 268 -5.11 41.75 1.54
CA ARG B 268 -5.31 43.15 1.90
C ARG B 268 -5.55 43.34 3.40
N ALA B 269 -6.00 42.30 4.09
CA ALA B 269 -6.12 42.31 5.55
C ALA B 269 -5.33 41.12 6.07
N ASP B 270 -4.16 41.38 6.65
CA ASP B 270 -3.17 40.34 6.98
C ASP B 270 -3.59 39.42 8.12
N GLN B 271 -4.81 39.47 8.65
CA GLN B 271 -5.23 38.56 9.70
C GLN B 271 -5.69 37.24 9.08
N GLU B 272 -6.27 36.36 9.89
CA GLU B 272 -6.91 35.15 9.41
C GLU B 272 -8.42 35.39 9.39
N LEU B 273 -9.01 35.33 8.19
CA LEU B 273 -10.44 35.56 8.07
C LEU B 273 -11.23 34.45 8.75
N MET B 274 -10.92 33.20 8.44
CA MET B 274 -11.66 32.06 8.96
C MET B 274 -10.70 30.92 9.22
N THR B 275 -11.01 30.14 10.27
CA THR B 275 -10.26 28.93 10.60
C THR B 275 -11.22 27.75 10.53
N TYR B 276 -10.81 26.71 9.82
CA TYR B 276 -11.63 25.52 9.63
C TYR B 276 -11.06 24.40 10.49
N SER B 277 -11.90 23.86 11.38
CA SER B 277 -11.50 22.77 12.25
C SER B 277 -12.73 21.94 12.58
N HIS B 278 -12.50 20.73 13.08
CA HIS B 278 -13.59 19.83 13.40
C HIS B 278 -13.13 18.89 14.51
N ASP B 279 -14.10 18.47 15.33
CA ASP B 279 -13.79 17.60 16.46
C ASP B 279 -13.26 16.25 16.01
N ASN B 280 -13.85 15.69 14.95
CA ASN B 280 -13.46 14.39 14.42
C ASN B 280 -12.19 14.46 13.57
N ILE B 281 -11.44 15.55 13.64
CA ILE B 281 -10.25 15.76 12.83
C ILE B 281 -9.06 15.85 13.77
N ILE B 282 -8.16 14.87 13.69
CA ILE B 282 -6.92 14.90 14.46
C ILE B 282 -5.75 14.57 13.55
N CYS B 283 -6.00 14.56 12.24
CA CYS B 283 -4.99 14.25 11.25
C CYS B 283 -4.73 15.47 10.37
N GLY B 284 -3.53 15.52 9.80
CA GLY B 284 -3.15 16.68 9.01
C GLY B 284 -3.88 16.74 7.68
N ILE B 285 -3.82 17.92 7.07
CA ILE B 285 -4.44 18.15 5.77
C ILE B 285 -3.39 17.98 4.69
N THR B 286 -3.74 17.21 3.66
CA THR B 286 -2.81 16.90 2.59
C THR B 286 -2.96 17.82 1.39
N SER B 287 -4.18 18.08 0.94
CA SER B 287 -4.41 18.94 -0.21
C SER B 287 -5.68 19.74 0.00
N VAL B 288 -5.72 20.93 -0.58
CA VAL B 288 -6.89 21.81 -0.53
C VAL B 288 -7.13 22.37 -1.92
N SER B 289 -8.38 22.78 -2.17
CA SER B 289 -8.76 23.42 -3.41
C SER B 289 -10.07 24.15 -3.22
N PHE B 290 -10.38 25.04 -4.16
CA PHE B 290 -11.58 25.85 -4.12
C PHE B 290 -12.48 25.56 -5.31
N SER B 291 -13.78 25.76 -5.13
CA SER B 291 -14.74 25.63 -6.20
C SER B 291 -14.77 26.91 -7.04
N LYS B 292 -15.70 26.98 -7.98
CA LYS B 292 -15.77 28.13 -8.87
C LYS B 292 -16.19 29.39 -8.11
N SER B 293 -17.22 29.28 -7.28
CA SER B 293 -17.66 30.44 -6.51
C SER B 293 -16.73 30.77 -5.35
N GLY B 294 -16.06 29.76 -4.80
CA GLY B 294 -15.20 29.93 -3.65
C GLY B 294 -15.86 29.64 -2.32
N ARG B 295 -17.18 29.46 -2.29
CA ARG B 295 -17.85 29.18 -1.03
C ARG B 295 -17.55 27.78 -0.53
N LEU B 296 -17.36 26.82 -1.44
CA LEU B 296 -17.06 25.44 -1.05
C LEU B 296 -15.56 25.22 -1.11
N LEU B 297 -14.97 24.89 0.04
CA LEU B 297 -13.56 24.57 0.15
C LEU B 297 -13.43 23.07 0.47
N LEU B 298 -12.76 22.35 -0.42
CA LEU B 298 -12.57 20.91 -0.27
C LEU B 298 -11.13 20.65 0.16
N ALA B 299 -10.97 19.85 1.23
CA ALA B 299 -9.65 19.53 1.76
C ALA B 299 -9.54 18.04 1.96
N GLY B 300 -8.46 17.45 1.46
CA GLY B 300 -8.19 16.04 1.65
C GLY B 300 -7.34 15.80 2.89
N TYR B 301 -7.66 14.74 3.62
CA TYR B 301 -7.08 14.51 4.94
C TYR B 301 -6.37 13.18 4.98
N ASP B 302 -5.62 12.95 6.07
CA ASP B 302 -4.94 11.68 6.24
C ASP B 302 -5.92 10.54 6.48
N ASP B 303 -7.03 10.86 7.17
CA ASP B 303 -8.04 9.84 7.55
C ASP B 303 -8.85 9.18 6.45
N PHE B 304 -8.32 9.09 5.24
CA PHE B 304 -8.91 8.32 4.15
C PHE B 304 -9.95 9.09 3.34
N ASN B 305 -10.33 10.30 3.74
CA ASN B 305 -11.48 10.98 3.15
C ASN B 305 -11.18 12.45 2.89
N CYS B 306 -12.06 13.08 2.13
CA CYS B 306 -12.00 14.51 1.83
C CYS B 306 -13.25 15.19 2.38
N ASN B 307 -13.06 16.30 3.08
CA ASN B 307 -14.17 17.06 3.64
C ASN B 307 -14.50 18.26 2.77
N VAL B 308 -15.75 18.72 2.88
CA VAL B 308 -16.22 19.91 2.18
C VAL B 308 -16.67 20.90 3.23
N TRP B 309 -16.19 22.14 3.13
CA TRP B 309 -16.40 23.16 4.15
C TRP B 309 -17.15 24.35 3.57
N ASP B 310 -18.07 24.91 4.36
CA ASP B 310 -18.69 26.18 4.04
C ASP B 310 -17.72 27.29 4.43
N ALA B 311 -17.15 27.97 3.45
CA ALA B 311 -16.04 28.89 3.70
C ALA B 311 -16.46 30.12 4.49
N LEU B 312 -17.75 30.38 4.64
CA LEU B 312 -18.22 31.58 5.31
C LEU B 312 -18.75 31.32 6.71
N LYS B 313 -19.00 30.06 7.09
CA LYS B 313 -19.46 29.78 8.43
C LYS B 313 -18.82 28.53 9.03
N ALA B 314 -17.75 27.99 8.43
CA ALA B 314 -16.99 26.85 8.94
C ALA B 314 -17.85 25.61 9.14
N ASP B 315 -18.94 25.48 8.39
CA ASP B 315 -19.80 24.31 8.46
C ASP B 315 -19.30 23.26 7.49
N ARG B 316 -19.02 22.06 7.99
CA ARG B 316 -18.62 20.96 7.13
C ARG B 316 -19.88 20.38 6.50
N ALA B 317 -20.09 20.66 5.21
CA ALA B 317 -21.29 20.20 4.53
C ALA B 317 -21.35 18.68 4.47
N GLY B 318 -20.23 18.04 4.16
CA GLY B 318 -20.18 16.60 4.11
C GLY B 318 -18.83 16.05 3.67
N VAL B 319 -18.59 14.78 3.95
CA VAL B 319 -17.35 14.13 3.59
C VAL B 319 -17.55 13.35 2.30
N LEU B 320 -16.45 12.96 1.67
CA LEU B 320 -16.51 12.19 0.43
C LEU B 320 -16.22 10.71 0.62
N ALA B 321 -15.21 10.38 1.43
CA ALA B 321 -14.73 8.99 1.65
C ALA B 321 -14.34 8.43 0.28
N GLY B 322 -14.67 7.17 -0.01
CA GLY B 322 -14.41 6.60 -1.31
C GLY B 322 -12.97 6.18 -1.58
N HIS B 323 -12.08 6.29 -0.59
CA HIS B 323 -10.69 5.90 -0.75
C HIS B 323 -10.31 4.96 0.39
N ASP B 324 -9.72 3.83 0.04
CA ASP B 324 -9.28 2.85 1.03
C ASP B 324 -7.84 3.07 1.49
N ASN B 325 -7.21 4.15 1.05
CA ASN B 325 -5.91 4.56 1.57
C ASN B 325 -5.89 6.08 1.54
N ARG B 326 -4.84 6.66 2.15
CA ARG B 326 -4.77 8.09 2.33
C ARG B 326 -4.86 8.85 1.01
N VAL B 327 -5.71 9.87 0.97
CA VAL B 327 -5.85 10.74 -0.20
C VAL B 327 -4.69 11.73 -0.22
N SER B 328 -4.11 11.92 -1.40
CA SER B 328 -2.88 12.68 -1.53
C SER B 328 -3.00 13.96 -2.33
N CYS B 329 -4.09 14.17 -3.06
CA CYS B 329 -4.19 15.33 -3.93
C CYS B 329 -5.65 15.58 -4.30
N LEU B 330 -6.00 16.87 -4.41
CA LEU B 330 -7.34 17.32 -4.73
C LEU B 330 -7.29 18.30 -5.90
N GLY B 331 -8.37 18.32 -6.68
CA GLY B 331 -8.45 19.22 -7.81
C GLY B 331 -9.86 19.49 -8.28
N VAL B 332 -10.21 20.77 -8.43
CA VAL B 332 -11.51 21.19 -8.93
C VAL B 332 -11.33 21.71 -10.35
N THR B 333 -12.25 21.33 -11.23
CA THR B 333 -12.13 21.66 -12.64
C THR B 333 -12.23 23.17 -12.84
N ASP B 334 -11.71 23.64 -13.98
CA ASP B 334 -11.72 25.06 -14.28
C ASP B 334 -13.14 25.61 -14.32
N ASP B 335 -14.10 24.81 -14.78
CA ASP B 335 -15.50 25.19 -14.72
C ASP B 335 -16.16 24.82 -13.41
N GLY B 336 -15.43 24.19 -12.49
CA GLY B 336 -15.96 23.89 -11.18
C GLY B 336 -16.98 22.78 -11.15
N MET B 337 -17.13 22.01 -12.23
CA MET B 337 -18.18 21.00 -12.29
C MET B 337 -17.86 19.82 -11.40
N ALA B 338 -16.63 19.33 -11.44
CA ALA B 338 -16.28 18.06 -10.81
C ALA B 338 -15.08 18.21 -9.88
N VAL B 339 -14.96 17.28 -8.95
CA VAL B 339 -13.84 17.18 -8.03
C VAL B 339 -13.15 15.84 -8.27
N ALA B 340 -11.83 15.88 -8.46
CA ALA B 340 -11.03 14.67 -8.55
C ALA B 340 -10.15 14.54 -7.33
N THR B 341 -10.03 13.32 -6.81
CA THR B 341 -9.19 13.04 -5.66
C THR B 341 -8.26 11.88 -5.99
N GLY B 342 -7.01 12.01 -5.55
CA GLY B 342 -6.01 10.97 -5.76
C GLY B 342 -5.49 10.47 -4.42
N SER B 343 -5.39 9.16 -4.29
CA SER B 343 -5.04 8.54 -3.02
C SER B 343 -3.94 7.52 -3.22
N TRP B 344 -3.31 7.15 -2.11
CA TRP B 344 -2.21 6.18 -2.13
C TRP B 344 -2.68 4.76 -2.49
N ASP B 345 -3.99 4.52 -2.54
CA ASP B 345 -4.50 3.21 -2.93
C ASP B 345 -4.44 2.96 -4.43
N SER B 346 -3.76 3.82 -5.19
CA SER B 346 -3.64 3.72 -6.64
C SER B 346 -4.98 3.90 -7.36
N PHE B 347 -5.89 4.67 -6.77
CA PHE B 347 -7.19 4.93 -7.37
C PHE B 347 -7.48 6.42 -7.40
N LEU B 348 -8.06 6.87 -8.51
CA LEU B 348 -8.52 8.24 -8.68
C LEU B 348 -10.04 8.24 -8.82
N LYS B 349 -10.71 9.03 -7.98
CA LYS B 349 -12.16 9.13 -7.98
C LYS B 349 -12.60 10.51 -8.44
N ILE B 350 -13.61 10.56 -9.29
CA ILE B 350 -14.17 11.80 -9.80
C ILE B 350 -15.53 12.01 -9.17
N TRP B 351 -15.71 13.16 -8.53
CA TRP B 351 -16.90 13.46 -7.75
C TRP B 351 -17.74 14.53 -8.44
N ASN B 352 -18.99 14.62 -8.02
CA ASN B 352 -19.91 15.62 -8.55
C ASN B 352 -21.10 15.77 -7.61
N LYS C 14 20.20 43.07 9.49
CA LYS C 14 20.87 42.57 8.30
C LYS C 14 19.90 42.41 7.13
N LEU C 15 19.84 41.20 6.56
CA LEU C 15 18.91 40.94 5.47
C LEU C 15 17.47 40.85 5.96
N VAL C 16 17.26 40.57 7.25
CA VAL C 16 15.91 40.55 7.80
C VAL C 16 15.28 41.94 7.75
N GLU C 17 16.11 42.99 7.74
CA GLU C 17 15.59 44.34 7.54
C GLU C 17 14.87 44.47 6.20
N GLN C 18 15.47 43.91 5.14
CA GLN C 18 14.78 43.86 3.85
C GLN C 18 13.68 42.80 3.84
N LEU C 19 13.75 41.83 4.76
CA LEU C 19 12.64 40.89 4.88
C LEU C 19 11.46 41.50 5.62
N LYS C 20 11.72 42.43 6.53
CA LYS C 20 10.68 43.04 7.35
C LYS C 20 10.27 44.43 6.86
N MET C 21 10.52 44.74 5.58
CA MET C 21 10.04 46.01 5.05
C MET C 21 8.56 45.98 4.73
N GLU C 22 7.87 44.90 5.04
CA GLU C 22 6.43 44.79 4.83
C GLU C 22 5.61 45.53 5.88
N ALA C 23 6.26 46.24 6.81
CA ALA C 23 5.55 47.04 7.80
C ALA C 23 4.88 48.27 7.20
N ASN C 24 5.21 48.63 5.96
CA ASN C 24 4.66 49.81 5.32
C ASN C 24 3.39 49.53 4.52
N ILE C 25 2.91 48.29 4.51
CA ILE C 25 1.78 47.94 3.68
C ILE C 25 0.49 48.52 4.26
N ASP C 26 -0.44 48.88 3.37
CA ASP C 26 -1.71 49.48 3.75
C ASP C 26 -2.77 48.42 4.00
N ARG C 27 -2.81 47.92 5.24
CA ARG C 27 -3.78 46.90 5.63
C ARG C 27 -5.16 47.56 5.71
N ILE C 28 -5.98 47.35 4.67
CA ILE C 28 -7.32 47.90 4.70
C ILE C 28 -8.15 47.14 5.73
N LYS C 29 -9.27 47.76 6.13
CA LYS C 29 -10.07 47.23 7.22
C LYS C 29 -10.56 45.83 6.92
N VAL C 30 -10.44 44.94 7.91
CA VAL C 30 -10.91 43.57 7.75
C VAL C 30 -12.42 43.53 7.59
N SER C 31 -13.13 44.59 8.01
CA SER C 31 -14.56 44.68 7.76
C SER C 31 -14.85 44.65 6.26
N LYS C 32 -14.12 45.45 5.49
CA LYS C 32 -14.29 45.45 4.04
C LYS C 32 -13.84 44.12 3.43
N ALA C 33 -12.84 43.47 4.03
CA ALA C 33 -12.39 42.17 3.54
C ALA C 33 -13.48 41.12 3.69
N ALA C 34 -14.08 41.04 4.88
CA ALA C 34 -15.19 40.14 5.07
C ALA C 34 -16.36 40.51 4.18
N ALA C 35 -16.61 41.81 4.02
CA ALA C 35 -17.75 42.28 3.22
C ALA C 35 -17.62 41.86 1.77
N ASP C 36 -16.48 42.14 1.14
CA ASP C 36 -16.38 41.80 -0.28
C ASP C 36 -16.13 40.31 -0.48
N LEU C 37 -15.62 39.60 0.53
CA LEU C 37 -15.55 38.13 0.43
C LEU C 37 -16.95 37.51 0.42
N MET C 38 -17.79 37.90 1.39
CA MET C 38 -19.14 37.36 1.40
C MET C 38 -19.95 37.87 0.21
N ALA C 39 -19.66 39.07 -0.28
CA ALA C 39 -20.32 39.56 -1.48
C ALA C 39 -19.91 38.73 -2.69
N TYR C 40 -18.64 38.37 -2.81
CA TYR C 40 -18.20 37.51 -3.90
C TYR C 40 -18.88 36.15 -3.82
N CYS C 41 -18.96 35.57 -2.62
CA CYS C 41 -19.63 34.29 -2.47
C CYS C 41 -21.10 34.38 -2.84
N GLU C 42 -21.78 35.43 -2.38
CA GLU C 42 -23.21 35.59 -2.66
C GLU C 42 -23.47 35.83 -4.13
N ALA C 43 -22.58 36.57 -4.81
CA ALA C 43 -22.78 36.85 -6.22
C ALA C 43 -22.45 35.66 -7.10
N HIS C 44 -21.50 34.81 -6.68
CA HIS C 44 -21.08 33.69 -7.51
C HIS C 44 -21.73 32.37 -7.11
N ALA C 45 -22.56 32.36 -6.06
CA ALA C 45 -23.23 31.13 -5.66
C ALA C 45 -24.19 30.61 -6.71
N LYS C 46 -24.64 31.47 -7.64
CA LYS C 46 -25.57 31.04 -8.68
C LYS C 46 -24.90 30.28 -9.82
N GLU C 47 -23.57 30.31 -9.90
CA GLU C 47 -22.85 29.67 -10.99
C GLU C 47 -21.88 28.60 -10.49
N ASP C 48 -22.12 28.07 -9.29
CA ASP C 48 -21.25 27.04 -8.72
C ASP C 48 -21.93 25.69 -8.83
N PRO C 49 -21.47 24.80 -9.72
CA PRO C 49 -22.10 23.47 -9.82
C PRO C 49 -21.96 22.64 -8.56
N LEU C 50 -20.92 22.86 -7.76
CA LEU C 50 -20.72 22.05 -6.55
C LEU C 50 -21.66 22.48 -5.44
N LEU C 51 -21.93 23.79 -5.32
CA LEU C 51 -22.72 24.29 -4.20
C LEU C 51 -24.15 23.77 -4.26
N THR C 52 -24.77 23.80 -5.44
CA THR C 52 -26.10 23.24 -5.65
C THR C 52 -25.98 22.24 -6.79
N PRO C 53 -26.38 20.99 -6.60
CA PRO C 53 -26.20 19.98 -7.65
C PRO C 53 -26.96 20.35 -8.92
N VAL C 54 -26.22 20.42 -10.03
CA VAL C 54 -26.80 20.76 -11.33
C VAL C 54 -27.65 19.59 -11.81
N PRO C 55 -28.63 19.81 -12.67
CA PRO C 55 -29.40 18.69 -13.22
C PRO C 55 -28.53 17.76 -14.04
N ALA C 56 -28.92 16.49 -14.08
CA ALA C 56 -28.16 15.48 -14.80
C ALA C 56 -28.18 15.69 -16.31
N SER C 57 -29.06 16.55 -16.82
CA SER C 57 -29.08 16.81 -18.26
C SER C 57 -27.81 17.53 -18.72
N GLU C 58 -27.43 18.59 -18.01
CA GLU C 58 -26.24 19.36 -18.35
C GLU C 58 -24.97 18.81 -17.72
N ASN C 59 -25.08 17.81 -16.85
CA ASN C 59 -23.90 17.25 -16.21
C ASN C 59 -23.12 16.41 -17.22
N PRO C 60 -21.81 16.67 -17.38
CA PRO C 60 -21.12 15.81 -18.36
C PRO C 60 -20.77 14.44 -17.79
N PHE C 61 -20.68 14.32 -16.47
CA PHE C 61 -20.29 13.05 -15.87
C PHE C 61 -21.57 12.25 -15.62
N ARG C 62 -21.98 11.51 -16.65
CA ARG C 62 -23.24 10.76 -16.69
C ARG C 62 -24.43 11.69 -16.45
N SER D 78 -42.74 -34.80 13.05
CA SER D 78 -42.23 -35.97 12.34
C SER D 78 -40.75 -36.17 12.61
N TYR D 79 -40.28 -37.40 12.46
CA TYR D 79 -38.86 -37.69 12.66
C TYR D 79 -37.99 -37.00 11.62
N GLN D 80 -38.54 -36.77 10.42
CA GLN D 80 -37.79 -36.06 9.40
C GLN D 80 -37.51 -34.62 9.80
N VAL D 81 -38.38 -34.02 10.62
CA VAL D 81 -38.25 -32.61 10.95
C VAL D 81 -36.96 -32.36 11.72
N ILE D 82 -36.70 -33.18 12.74
CA ILE D 82 -35.48 -33.01 13.53
C ILE D 82 -34.24 -33.35 12.73
N THR D 83 -34.39 -34.04 11.60
CA THR D 83 -33.28 -34.32 10.70
C THR D 83 -33.17 -33.26 9.59
N SER D 84 -34.30 -32.92 8.99
CA SER D 84 -34.30 -31.95 7.90
C SER D 84 -33.87 -30.58 8.39
N LEU D 85 -34.28 -30.18 9.59
CA LEU D 85 -33.85 -28.90 10.14
C LEU D 85 -32.34 -28.83 10.28
N LEU D 86 -31.74 -29.83 10.92
CA LEU D 86 -30.30 -29.84 11.13
C LEU D 86 -29.55 -29.87 9.80
N LEU D 87 -29.99 -30.72 8.88
CA LEU D 87 -29.28 -30.85 7.61
C LEU D 87 -29.40 -29.57 6.77
N GLY D 88 -30.59 -28.97 6.75
CA GLY D 88 -30.76 -27.73 6.02
C GLY D 88 -29.95 -26.59 6.62
N THR D 89 -29.89 -26.52 7.95
CA THR D 89 -29.08 -25.50 8.60
C THR D 89 -27.60 -25.70 8.29
N LEU D 90 -27.14 -26.95 8.30
CA LEU D 90 -25.74 -27.21 7.95
C LEU D 90 -25.44 -26.82 6.51
N ILE D 91 -26.34 -27.16 5.59
CA ILE D 91 -26.14 -26.80 4.19
C ILE D 91 -26.14 -25.30 4.01
N PHE D 92 -27.07 -24.60 4.67
CA PHE D 92 -27.12 -23.14 4.56
C PHE D 92 -25.86 -22.49 5.14
N CYS D 93 -25.37 -23.00 6.27
CA CYS D 93 -24.14 -22.48 6.85
C CYS D 93 -22.96 -22.71 5.91
N ALA D 94 -22.88 -23.88 5.29
CA ALA D 94 -21.82 -24.13 4.32
C ALA D 94 -21.92 -23.20 3.13
N VAL D 95 -23.14 -22.97 2.64
CA VAL D 95 -23.35 -22.08 1.50
C VAL D 95 -22.89 -20.66 1.84
N LEU D 96 -23.28 -20.17 3.02
CA LEU D 96 -22.85 -18.85 3.45
C LEU D 96 -21.35 -18.75 3.61
N GLY D 97 -20.74 -19.79 4.21
CA GLY D 97 -19.30 -19.77 4.44
C GLY D 97 -18.51 -19.74 3.14
N ASN D 98 -18.93 -20.52 2.15
CA ASN D 98 -18.23 -20.50 0.87
C ASN D 98 -18.53 -19.22 0.08
N ALA D 99 -19.77 -18.74 0.14
CA ALA D 99 -20.14 -17.55 -0.62
C ALA D 99 -19.42 -16.32 -0.11
N CYS D 100 -19.25 -16.20 1.22
CA CYS D 100 -18.53 -15.05 1.77
C CYS D 100 -17.10 -15.01 1.25
N VAL D 101 -16.43 -16.16 1.21
CA VAL D 101 -15.04 -16.20 0.76
C VAL D 101 -14.95 -15.88 -0.73
N VAL D 102 -15.80 -16.52 -1.55
CA VAL D 102 -15.70 -16.33 -2.98
C VAL D 102 -16.13 -14.92 -3.38
N ALA D 103 -16.93 -14.25 -2.56
CA ALA D 103 -17.27 -12.85 -2.81
C ALA D 103 -16.19 -11.91 -2.31
N ALA D 104 -15.61 -12.18 -1.15
CA ALA D 104 -14.61 -11.28 -0.58
C ALA D 104 -13.32 -11.28 -1.39
N ILE D 105 -12.95 -12.42 -1.98
CA ILE D 105 -11.75 -12.43 -2.82
C ILE D 105 -11.99 -11.64 -4.10
N ALA D 106 -13.17 -11.77 -4.70
CA ALA D 106 -13.46 -11.06 -5.95
C ALA D 106 -13.63 -9.57 -5.72
N LEU D 107 -14.24 -9.18 -4.61
CA LEU D 107 -14.54 -7.76 -4.38
C LEU D 107 -13.28 -6.96 -4.07
N GLU D 108 -12.40 -7.51 -3.24
CA GLU D 108 -11.23 -6.79 -2.76
C GLU D 108 -9.98 -7.23 -3.50
N ARG D 109 -9.19 -6.25 -3.95
CA ARG D 109 -7.92 -6.53 -4.61
C ARG D 109 -6.78 -6.72 -3.64
N SER D 110 -6.99 -6.45 -2.35
CA SER D 110 -5.96 -6.73 -1.35
C SER D 110 -5.73 -8.24 -1.22
N LEU D 111 -6.79 -9.03 -1.36
CA LEU D 111 -6.71 -10.48 -1.25
C LEU D 111 -6.44 -11.18 -2.58
N GLN D 112 -6.18 -10.43 -3.64
CA GLN D 112 -6.01 -11.01 -4.98
C GLN D 112 -4.54 -11.37 -5.16
N ASN D 113 -4.16 -12.58 -4.74
CA ASN D 113 -2.82 -13.11 -4.94
C ASN D 113 -2.94 -14.60 -5.27
N VAL D 114 -1.80 -15.23 -5.53
CA VAL D 114 -1.78 -16.60 -6.03
C VAL D 114 -2.26 -17.57 -4.96
N ALA D 115 -1.73 -17.44 -3.73
CA ALA D 115 -2.14 -18.33 -2.65
C ALA D 115 -3.61 -18.16 -2.33
N ASN D 116 -4.08 -16.92 -2.28
CA ASN D 116 -5.49 -16.70 -2.05
C ASN D 116 -6.34 -17.05 -3.26
N TYR D 117 -5.74 -17.06 -4.46
CA TYR D 117 -6.46 -17.62 -5.61
C TYR D 117 -6.69 -19.11 -5.43
N LEU D 118 -5.69 -19.83 -4.93
CA LEU D 118 -5.88 -21.25 -4.63
C LEU D 118 -6.92 -21.45 -3.55
N ILE D 119 -6.90 -20.62 -2.51
CA ILE D 119 -7.90 -20.72 -1.45
C ILE D 119 -9.29 -20.40 -1.99
N GLY D 120 -9.39 -19.45 -2.91
CA GLY D 120 -10.67 -19.15 -3.53
C GLY D 120 -11.18 -20.28 -4.40
N SER D 121 -10.28 -20.96 -5.11
CA SER D 121 -10.69 -22.13 -5.88
C SER D 121 -11.19 -23.24 -4.95
N LEU D 122 -10.51 -23.42 -3.82
CA LEU D 122 -11.01 -24.37 -2.82
C LEU D 122 -12.39 -23.96 -2.32
N ALA D 123 -12.59 -22.66 -2.10
CA ALA D 123 -13.87 -22.15 -1.61
C ALA D 123 -14.98 -22.37 -2.64
N VAL D 124 -14.69 -22.14 -3.92
CA VAL D 124 -15.74 -22.33 -4.93
C VAL D 124 -16.02 -23.82 -5.13
N THR D 125 -15.01 -24.68 -4.98
CA THR D 125 -15.26 -26.12 -5.02
C THR D 125 -16.15 -26.55 -3.86
N ASP D 126 -15.87 -26.03 -2.66
CA ASP D 126 -16.73 -26.33 -1.52
C ASP D 126 -18.12 -25.75 -1.68
N LEU D 127 -18.25 -24.59 -2.33
CA LEU D 127 -19.56 -24.04 -2.64
C LEU D 127 -20.32 -24.96 -3.60
N MET D 128 -19.62 -25.49 -4.60
CA MET D 128 -20.24 -26.45 -5.51
C MET D 128 -20.71 -27.69 -4.78
N VAL D 129 -19.91 -28.17 -3.82
CA VAL D 129 -20.34 -29.27 -2.97
C VAL D 129 -21.60 -28.88 -2.20
N SER D 130 -21.61 -27.68 -1.62
CA SER D 130 -22.67 -27.29 -0.70
C SER D 130 -24.00 -27.04 -1.42
N VAL D 131 -23.95 -26.60 -2.67
CA VAL D 131 -25.20 -26.25 -3.35
C VAL D 131 -25.63 -27.35 -4.32
N LEU D 132 -24.68 -28.16 -4.81
CA LEU D 132 -25.05 -29.23 -5.74
C LEU D 132 -25.38 -30.53 -5.04
N VAL D 133 -24.43 -31.11 -4.32
CA VAL D 133 -24.55 -32.49 -3.88
C VAL D 133 -25.02 -32.60 -2.43
N LEU D 134 -24.69 -31.61 -1.60
CA LEU D 134 -25.09 -31.66 -0.20
C LEU D 134 -26.61 -31.61 0.00
N PRO D 135 -27.37 -30.68 -0.60
CA PRO D 135 -28.81 -30.65 -0.30
C PRO D 135 -29.55 -31.87 -0.79
N MET D 136 -29.15 -32.38 -1.96
CA MET D 136 -29.77 -33.58 -2.51
C MET D 136 -29.42 -34.78 -1.65
N ALA D 137 -28.15 -34.89 -1.29
CA ALA D 137 -27.76 -35.98 -0.40
C ALA D 137 -28.61 -35.96 0.86
N ALA D 138 -28.88 -34.77 1.39
CA ALA D 138 -29.80 -34.65 2.51
C ALA D 138 -31.20 -35.11 2.12
N LEU D 139 -31.62 -34.78 0.90
CA LEU D 139 -32.95 -35.19 0.42
C LEU D 139 -33.07 -36.69 0.31
N TYR D 140 -32.03 -37.36 -0.18
CA TYR D 140 -32.03 -38.82 -0.22
C TYR D 140 -32.00 -39.41 1.20
N GLN D 141 -31.21 -38.80 2.09
CA GLN D 141 -31.09 -39.34 3.45
C GLN D 141 -32.40 -39.22 4.22
N VAL D 142 -33.09 -38.09 4.08
CA VAL D 142 -34.33 -37.88 4.84
C VAL D 142 -35.42 -38.81 4.34
N LEU D 143 -35.60 -38.89 3.01
CA LEU D 143 -36.64 -39.74 2.45
C LEU D 143 -36.33 -41.22 2.60
N ASN D 144 -35.06 -41.59 2.79
CA ASN D 144 -34.55 -42.94 2.98
C ASN D 144 -34.61 -43.73 1.68
N LYS D 145 -35.28 -43.22 0.65
CA LYS D 145 -35.44 -43.90 -0.62
C LYS D 145 -34.94 -43.00 -1.73
N TRP D 146 -34.54 -43.62 -2.83
CA TRP D 146 -34.11 -42.88 -4.02
C TRP D 146 -35.29 -42.85 -4.99
N THR D 147 -35.96 -41.69 -5.06
CA THR D 147 -37.10 -41.52 -5.94
C THR D 147 -36.95 -40.36 -6.91
N LEU D 148 -35.87 -39.57 -6.80
CA LEU D 148 -35.70 -38.42 -7.66
C LEU D 148 -35.45 -38.80 -9.11
N GLY D 149 -35.05 -40.04 -9.37
CA GLY D 149 -34.88 -40.53 -10.72
C GLY D 149 -34.63 -42.03 -10.72
N GLN D 150 -34.89 -42.68 -11.86
CA GLN D 150 -34.78 -44.13 -11.91
C GLN D 150 -33.34 -44.58 -11.71
N VAL D 151 -32.41 -44.03 -12.50
CA VAL D 151 -31.01 -44.48 -12.47
C VAL D 151 -30.15 -43.22 -12.34
N THR D 152 -30.78 -42.08 -12.06
CA THR D 152 -30.05 -40.82 -11.99
C THR D 152 -29.12 -40.74 -10.79
N CYS D 153 -29.17 -41.74 -9.91
CA CYS D 153 -28.30 -41.75 -8.75
C CYS D 153 -26.83 -41.69 -9.12
N ASP D 154 -26.43 -42.48 -10.10
CA ASP D 154 -25.01 -42.57 -10.44
C ASP D 154 -24.44 -41.24 -10.92
N LEU D 155 -25.19 -40.51 -11.72
CA LEU D 155 -24.64 -39.28 -12.25
C LEU D 155 -24.34 -38.37 -11.08
N PHE D 156 -25.25 -38.32 -10.13
CA PHE D 156 -25.04 -37.49 -8.95
C PHE D 156 -23.84 -37.92 -8.12
N ILE D 157 -23.67 -39.22 -7.96
CA ILE D 157 -22.54 -39.71 -7.17
C ILE D 157 -21.25 -39.28 -7.85
N ALA D 158 -21.22 -39.33 -9.18
CA ALA D 158 -20.02 -38.90 -9.89
C ALA D 158 -19.78 -37.43 -9.62
N LEU D 159 -20.84 -36.63 -9.62
CA LEU D 159 -20.67 -35.23 -9.27
C LEU D 159 -20.11 -35.22 -7.88
N ASP D 160 -20.78 -35.93 -6.99
CA ASP D 160 -20.31 -35.99 -5.60
C ASP D 160 -18.84 -36.39 -5.54
N VAL D 161 -18.46 -37.43 -6.27
CA VAL D 161 -17.07 -37.89 -6.26
C VAL D 161 -16.16 -36.82 -6.85
N LEU D 162 -16.56 -36.24 -7.98
CA LEU D 162 -15.79 -35.16 -8.61
C LEU D 162 -15.52 -34.03 -7.64
N CYS D 163 -16.58 -33.46 -7.07
CA CYS D 163 -16.41 -32.29 -6.20
C CYS D 163 -15.64 -32.66 -4.93
N CYS D 164 -15.91 -33.82 -4.34
CA CYS D 164 -15.26 -34.17 -3.08
C CYS D 164 -13.77 -34.43 -3.28
N THR D 165 -13.39 -35.18 -4.32
CA THR D 165 -11.97 -35.42 -4.53
C THR D 165 -11.26 -34.17 -5.02
N SER D 166 -11.96 -33.26 -5.71
CA SER D 166 -11.36 -31.98 -6.05
C SER D 166 -11.09 -31.17 -4.79
N SER D 167 -12.02 -31.18 -3.83
CA SER D 167 -11.81 -30.50 -2.56
C SER D 167 -10.68 -31.13 -1.77
N ILE D 168 -10.49 -32.45 -1.88
CA ILE D 168 -9.39 -33.10 -1.19
C ILE D 168 -8.06 -32.73 -1.82
N TRP D 169 -7.97 -32.77 -3.16
CA TRP D 169 -6.71 -32.49 -3.84
C TRP D 169 -6.35 -31.01 -3.88
N HIS D 170 -7.32 -30.12 -3.64
CA HIS D 170 -6.98 -28.71 -3.46
C HIS D 170 -6.08 -28.50 -2.25
N LEU D 171 -6.27 -29.29 -1.20
CA LEU D 171 -5.38 -29.20 -0.04
C LEU D 171 -3.95 -29.59 -0.43
N CYS D 172 -3.80 -30.62 -1.27
CA CYS D 172 -2.49 -31.00 -1.75
C CYS D 172 -1.88 -29.89 -2.62
N ALA D 173 -2.69 -29.26 -3.46
CA ALA D 173 -2.18 -28.16 -4.27
C ALA D 173 -1.70 -27.00 -3.41
N ILE D 174 -2.48 -26.68 -2.36
CA ILE D 174 -2.08 -25.62 -1.43
C ILE D 174 -0.79 -25.98 -0.72
N ALA D 175 -0.67 -27.24 -0.28
CA ALA D 175 0.55 -27.69 0.39
C ALA D 175 1.76 -27.61 -0.55
N LEU D 176 1.59 -28.02 -1.80
CA LEU D 176 2.69 -27.95 -2.76
C LEU D 176 3.09 -26.51 -3.04
N ASP D 177 2.11 -25.60 -3.15
CA ASP D 177 2.44 -24.19 -3.34
C ASP D 177 3.19 -23.62 -2.14
N ARG D 178 2.76 -23.97 -0.93
CA ARG D 178 3.46 -23.50 0.26
C ARG D 178 4.87 -24.06 0.32
N TYR D 179 5.04 -25.34 -0.04
CA TYR D 179 6.38 -25.94 -0.05
C TYR D 179 7.28 -25.26 -1.05
N TRP D 180 6.78 -25.00 -2.26
CA TRP D 180 7.59 -24.35 -3.28
C TRP D 180 7.93 -22.92 -2.89
N ALA D 181 7.00 -22.23 -2.22
CA ALA D 181 7.27 -20.86 -1.79
C ALA D 181 8.29 -20.81 -0.66
N ILE D 182 8.19 -21.73 0.30
CA ILE D 182 9.05 -21.67 1.48
C ILE D 182 10.44 -22.19 1.16
N THR D 183 10.52 -23.35 0.51
CA THR D 183 11.82 -23.98 0.27
C THR D 183 12.64 -23.23 -0.77
N ASP D 184 12.01 -22.68 -1.80
CA ASP D 184 12.70 -22.06 -2.93
C ASP D 184 12.21 -20.63 -3.11
N PRO D 185 12.74 -19.69 -2.32
CA PRO D 185 12.31 -18.29 -2.45
C PRO D 185 12.64 -17.67 -3.80
N ILE D 186 13.75 -18.08 -4.41
CA ILE D 186 14.14 -17.51 -5.70
C ILE D 186 13.11 -17.85 -6.77
N ASP D 187 12.61 -19.09 -6.76
CA ASP D 187 11.55 -19.48 -7.67
C ASP D 187 10.26 -18.70 -7.39
N TYR D 188 9.99 -18.41 -6.13
CA TYR D 188 8.85 -17.57 -5.77
C TYR D 188 9.00 -16.19 -6.41
N VAL D 189 10.17 -15.57 -6.25
CA VAL D 189 10.36 -14.22 -6.74
C VAL D 189 10.30 -14.17 -8.26
N ASN D 190 10.89 -15.15 -8.93
CA ASN D 190 10.99 -15.09 -10.37
C ASN D 190 9.77 -15.65 -11.09
N LYS D 191 9.31 -16.85 -10.70
CA LYS D 191 8.37 -17.59 -11.55
C LYS D 191 7.17 -18.12 -10.77
N ARG D 192 6.69 -17.41 -9.76
CA ARG D 192 5.43 -17.77 -9.11
C ARG D 192 4.29 -16.89 -9.63
N THR D 193 3.98 -17.11 -10.90
CA THR D 193 2.88 -16.43 -11.55
C THR D 193 1.55 -17.05 -11.13
N PRO D 194 0.43 -16.34 -11.34
CA PRO D 194 -0.88 -16.98 -11.18
C PRO D 194 -1.11 -18.13 -12.15
N ARG D 195 -0.33 -18.21 -13.22
CA ARG D 195 -0.37 -19.38 -14.09
C ARG D 195 -0.08 -20.66 -13.31
N ARG D 196 0.76 -20.58 -12.29
CA ARG D 196 1.00 -21.74 -11.44
C ARG D 196 -0.28 -22.16 -10.72
N ALA D 197 -1.04 -21.20 -10.20
CA ALA D 197 -2.32 -21.52 -9.57
C ALA D 197 -3.30 -22.11 -10.58
N ALA D 198 -3.34 -21.55 -11.79
CA ALA D 198 -4.24 -22.09 -12.82
C ALA D 198 -3.87 -23.52 -13.18
N ALA D 199 -2.58 -23.81 -13.32
CA ALA D 199 -2.15 -25.17 -13.61
C ALA D 199 -2.46 -26.12 -12.45
N LEU D 200 -2.28 -25.64 -11.22
CA LEU D 200 -2.61 -26.47 -10.07
C LEU D 200 -4.11 -26.79 -10.02
N ILE D 201 -4.96 -25.82 -10.38
CA ILE D 201 -6.39 -26.07 -10.39
C ILE D 201 -6.76 -27.03 -11.53
N SER D 202 -6.11 -26.87 -12.68
CA SER D 202 -6.36 -27.80 -13.79
C SER D 202 -5.98 -29.23 -13.39
N LEU D 203 -4.84 -29.40 -12.73
CA LEU D 203 -4.41 -30.73 -12.31
C LEU D 203 -5.20 -31.27 -11.13
N THR D 204 -5.78 -30.41 -10.29
CA THR D 204 -6.61 -30.88 -9.19
C THR D 204 -8.03 -31.22 -9.62
N TRP D 205 -8.47 -30.69 -10.77
CA TRP D 205 -9.73 -31.15 -11.34
C TRP D 205 -9.56 -32.32 -12.31
N LEU D 206 -8.37 -32.48 -12.88
CA LEU D 206 -8.09 -33.67 -13.67
C LEU D 206 -8.16 -34.93 -12.83
N ILE D 207 -7.84 -34.83 -11.54
CA ILE D 207 -7.97 -35.97 -10.65
C ILE D 207 -9.42 -36.40 -10.53
N GLY D 208 -10.34 -35.44 -10.38
CA GLY D 208 -11.75 -35.79 -10.35
C GLY D 208 -12.22 -36.35 -11.67
N PHE D 209 -11.78 -35.75 -12.78
CA PHE D 209 -12.12 -36.27 -14.10
C PHE D 209 -11.66 -37.71 -14.27
N LEU D 210 -10.51 -38.06 -13.68
CA LEU D 210 -9.98 -39.41 -13.80
C LEU D 210 -10.62 -40.38 -12.81
N ILE D 211 -11.11 -39.88 -11.67
CA ILE D 211 -11.62 -40.77 -10.63
C ILE D 211 -13.11 -41.05 -10.81
N SER D 212 -13.92 -40.01 -11.02
CA SER D 212 -15.37 -40.20 -11.00
C SER D 212 -15.89 -40.91 -12.24
N ILE D 213 -15.15 -40.85 -13.35
CA ILE D 213 -15.63 -41.32 -14.66
C ILE D 213 -15.62 -42.85 -14.81
N PRO D 214 -14.59 -43.60 -14.39
CA PRO D 214 -14.56 -45.05 -14.68
C PRO D 214 -15.79 -45.80 -14.18
N PRO D 215 -16.36 -45.52 -12.99
CA PRO D 215 -17.57 -46.24 -12.61
C PRO D 215 -18.81 -45.85 -13.41
N MET D 216 -18.78 -44.72 -14.11
CA MET D 216 -19.92 -44.30 -14.91
C MET D 216 -20.20 -45.30 -16.03
N LEU D 217 -19.14 -45.78 -16.69
CA LEU D 217 -19.26 -46.79 -17.72
C LEU D 217 -18.99 -48.19 -17.18
N GLY D 218 -18.93 -48.34 -15.86
CA GLY D 218 -18.52 -49.59 -15.25
C GLY D 218 -17.01 -49.70 -15.23
N TRP D 219 -16.45 -50.16 -14.11
CA TRP D 219 -14.99 -50.29 -14.04
C TRP D 219 -14.48 -51.28 -15.08
N ARG D 220 -15.12 -52.44 -15.18
CA ARG D 220 -14.91 -53.36 -16.29
C ARG D 220 -16.20 -53.67 -17.04
N THR D 221 -17.29 -53.94 -16.32
CA THR D 221 -18.60 -54.23 -16.90
C THR D 221 -19.67 -54.11 -15.82
N PRO D 222 -20.74 -53.35 -16.05
CA PRO D 222 -21.81 -53.24 -15.03
C PRO D 222 -22.60 -54.52 -14.90
N GLU D 223 -22.40 -55.25 -13.80
CA GLU D 223 -23.04 -56.56 -13.64
C GLU D 223 -23.63 -56.84 -12.27
N ASP D 224 -23.30 -56.08 -11.22
CA ASP D 224 -23.69 -56.49 -9.87
C ASP D 224 -24.33 -55.40 -9.02
N ARG D 225 -24.22 -54.11 -9.36
CA ARG D 225 -24.66 -53.03 -8.49
C ARG D 225 -26.05 -52.52 -8.85
N SER D 226 -26.94 -53.39 -9.30
CA SER D 226 -28.30 -53.02 -9.68
C SER D 226 -29.21 -53.10 -8.45
N ASP D 227 -29.66 -51.94 -7.96
CA ASP D 227 -30.61 -51.87 -6.87
C ASP D 227 -31.39 -50.56 -6.99
N PRO D 228 -32.60 -50.59 -7.55
CA PRO D 228 -33.34 -49.34 -7.78
C PRO D 228 -33.72 -48.60 -6.51
N ASP D 229 -33.81 -49.30 -5.39
CA ASP D 229 -34.32 -48.71 -4.15
C ASP D 229 -33.27 -47.95 -3.37
N ALA D 230 -32.01 -47.96 -3.79
CA ALA D 230 -30.93 -47.36 -3.02
C ALA D 230 -30.02 -46.55 -3.92
N CYS D 231 -29.20 -45.71 -3.30
CA CYS D 231 -28.24 -44.85 -4.00
C CYS D 231 -26.97 -44.83 -3.14
N THR D 232 -26.05 -45.74 -3.42
CA THR D 232 -24.84 -45.91 -2.63
C THR D 232 -23.61 -45.83 -3.53
N ILE D 233 -22.43 -45.81 -2.89
CA ILE D 233 -21.18 -45.77 -3.63
C ILE D 233 -20.98 -47.09 -4.37
N SER D 234 -20.26 -47.02 -5.49
CA SER D 234 -20.05 -48.19 -6.34
C SER D 234 -19.05 -49.16 -5.69
N LYS D 235 -19.40 -50.43 -5.69
CA LYS D 235 -18.51 -51.50 -5.21
C LYS D 235 -18.12 -52.36 -6.40
N ASP D 236 -17.05 -51.97 -7.08
CA ASP D 236 -16.44 -52.75 -8.14
C ASP D 236 -15.03 -53.11 -7.68
N HIS D 237 -14.60 -54.35 -7.98
CA HIS D 237 -13.44 -54.91 -7.31
C HIS D 237 -12.19 -54.06 -7.53
N GLY D 238 -11.94 -53.66 -8.77
CA GLY D 238 -10.84 -52.75 -9.03
C GLY D 238 -11.09 -51.35 -8.49
N TYR D 239 -12.34 -50.88 -8.60
CA TYR D 239 -12.63 -49.49 -8.30
C TYR D 239 -12.58 -49.20 -6.81
N THR D 240 -12.95 -50.16 -5.97
CA THR D 240 -12.88 -49.93 -4.53
C THR D 240 -11.46 -49.79 -4.03
N ILE D 241 -10.46 -50.11 -4.86
CA ILE D 241 -9.06 -49.83 -4.58
C ILE D 241 -8.61 -48.55 -5.28
N TYR D 242 -8.95 -48.43 -6.58
CA TYR D 242 -8.51 -47.28 -7.37
C TYR D 242 -9.03 -45.97 -6.79
N SER D 243 -10.33 -45.88 -6.53
CA SER D 243 -10.91 -44.65 -6.02
C SER D 243 -10.39 -44.31 -4.62
N THR D 244 -10.33 -45.31 -3.74
CA THR D 244 -9.92 -45.01 -2.37
C THR D 244 -8.45 -44.64 -2.28
N PHE D 245 -7.62 -45.13 -3.21
CA PHE D 245 -6.22 -44.76 -3.17
C PHE D 245 -5.97 -43.43 -3.84
N GLY D 246 -6.59 -43.19 -5.00
CA GLY D 246 -6.38 -41.92 -5.69
C GLY D 246 -6.93 -40.73 -4.92
N ALA D 247 -8.12 -40.88 -4.35
CA ALA D 247 -8.81 -39.74 -3.76
C ALA D 247 -8.19 -39.34 -2.41
N PHE D 248 -7.87 -40.31 -1.56
CA PHE D 248 -7.51 -39.99 -0.19
C PHE D 248 -6.11 -40.45 0.21
N TYR D 249 -5.77 -41.72 -0.01
CA TYR D 249 -4.59 -42.27 0.65
C TYR D 249 -3.30 -41.70 0.08
N ILE D 250 -3.18 -41.62 -1.25
CA ILE D 250 -2.04 -40.94 -1.85
C ILE D 250 -2.00 -39.46 -1.46
N PRO D 251 -3.10 -38.70 -1.52
CA PRO D 251 -3.07 -37.35 -0.95
C PRO D 251 -2.73 -37.30 0.53
N LEU D 252 -3.16 -38.28 1.33
CA LEU D 252 -2.89 -38.25 2.76
C LEU D 252 -1.38 -38.29 3.03
N LEU D 253 -0.68 -39.27 2.45
CA LEU D 253 0.76 -39.35 2.68
C LEU D 253 1.51 -38.25 1.94
N LEU D 254 0.98 -37.78 0.81
CA LEU D 254 1.61 -36.66 0.12
C LEU D 254 1.59 -35.40 0.99
N MET D 255 0.43 -35.08 1.56
CA MET D 255 0.35 -33.96 2.49
C MET D 255 1.20 -34.22 3.73
N LEU D 256 1.26 -35.48 4.18
CA LEU D 256 2.06 -35.80 5.36
C LEU D 256 3.53 -35.47 5.13
N VAL D 257 4.09 -35.94 4.00
CA VAL D 257 5.50 -35.68 3.74
C VAL D 257 5.74 -34.19 3.44
N LEU D 258 4.79 -33.52 2.77
CA LEU D 258 4.99 -32.11 2.46
C LEU D 258 4.96 -31.26 3.71
N TYR D 259 3.97 -31.47 4.58
CA TYR D 259 3.88 -30.73 5.83
C TYR D 259 4.79 -31.28 6.91
N GLY D 260 5.56 -32.33 6.63
CA GLY D 260 6.67 -32.69 7.48
C GLY D 260 7.95 -32.00 7.03
N ARG D 261 8.16 -31.94 5.71
CA ARG D 261 9.31 -31.21 5.17
C ARG D 261 9.23 -29.74 5.53
N ILE D 262 8.08 -29.11 5.32
CA ILE D 262 7.94 -27.69 5.61
C ILE D 262 7.60 -27.50 7.09
N PHE D 263 7.59 -28.60 7.84
CA PHE D 263 7.61 -28.50 9.30
C PHE D 263 9.04 -28.41 9.82
N ARG D 264 9.90 -29.33 9.39
CA ARG D 264 11.28 -29.28 9.82
C ARG D 264 12.03 -28.10 9.22
N ALA D 265 11.61 -27.61 8.05
CA ALA D 265 12.20 -26.38 7.53
C ALA D 265 11.89 -25.19 8.44
N ALA D 266 10.62 -25.06 8.85
CA ALA D 266 10.24 -23.98 9.75
C ALA D 266 10.93 -24.12 11.11
N ARG D 267 11.01 -25.36 11.63
CA ARG D 267 11.68 -25.58 12.90
C ARG D 267 13.16 -25.25 12.81
N PHE D 268 13.80 -25.64 11.70
CA PHE D 268 15.21 -25.29 11.49
C PHE D 268 15.39 -23.80 11.37
N ARG D 269 14.43 -23.09 10.77
CA ARG D 269 14.58 -21.65 10.66
C ARG D 269 14.43 -20.97 12.02
N ILE D 270 13.47 -21.43 12.82
CA ILE D 270 13.32 -20.90 14.18
C ILE D 270 14.56 -21.18 15.00
N ARG D 271 15.15 -22.37 14.82
CA ARG D 271 16.40 -22.68 15.51
C ARG D 271 17.56 -21.83 14.99
N LYS D 272 17.56 -21.50 13.70
CA LYS D 272 18.59 -20.64 13.13
C LYS D 272 18.52 -19.25 13.72
N THR D 273 17.31 -18.73 13.93
CA THR D 273 17.16 -17.40 14.52
C THR D 273 17.65 -17.34 15.95
N VAL D 274 17.96 -18.46 16.58
CA VAL D 274 18.56 -18.50 17.90
C VAL D 274 20.05 -18.84 17.82
N LYS D 275 20.42 -19.78 16.95
CA LYS D 275 21.82 -20.19 16.82
C LYS D 275 22.67 -19.06 16.25
N LYS D 276 22.22 -18.45 15.15
CA LYS D 276 22.98 -17.38 14.53
C LYS D 276 22.75 -16.03 15.20
N VAL D 277 21.74 -15.89 16.04
CA VAL D 277 21.49 -14.65 16.75
C VAL D 277 21.53 -14.91 18.26
N ASN D 369 20.85 -10.65 28.50
CA ASN D 369 19.86 -10.15 29.45
C ASN D 369 18.63 -11.05 29.46
N GLU D 370 17.83 -10.93 30.52
CA GLU D 370 16.55 -11.65 30.56
C GLU D 370 15.65 -11.20 29.41
N ARG D 371 15.51 -9.88 29.23
CA ARG D 371 14.73 -9.32 28.14
C ARG D 371 15.35 -9.59 26.78
N ASN D 372 16.59 -10.08 26.74
CA ASN D 372 17.19 -10.54 25.50
C ASN D 372 17.15 -12.07 25.36
N ALA D 373 17.81 -12.78 26.27
CA ALA D 373 17.95 -14.22 26.13
C ALA D 373 16.63 -14.93 26.37
N GLU D 374 15.94 -14.57 27.46
CA GLU D 374 14.65 -15.19 27.73
C GLU D 374 13.62 -14.81 26.67
N ALA D 375 13.69 -13.58 26.14
CA ALA D 375 12.79 -13.21 25.05
C ALA D 375 13.05 -14.07 23.82
N LYS D 376 14.33 -14.29 23.47
CA LYS D 376 14.66 -15.16 22.36
C LYS D 376 14.09 -16.56 22.56
N ARG D 377 14.35 -17.13 23.74
CA ARG D 377 13.91 -18.49 24.02
C ARG D 377 12.38 -18.59 24.00
N LYS D 378 11.70 -17.61 24.59
CA LYS D 378 10.25 -17.68 24.67
C LYS D 378 9.61 -17.50 23.30
N MET D 379 10.16 -16.60 22.46
CA MET D 379 9.55 -16.43 21.16
C MET D 379 9.87 -17.61 20.25
N ALA D 380 11.06 -18.22 20.41
CA ALA D 380 11.33 -19.44 19.65
C ALA D 380 10.40 -20.58 20.05
N LEU D 381 10.17 -20.76 21.35
CA LEU D 381 9.24 -21.78 21.81
C LEU D 381 7.82 -21.48 21.34
N ALA D 382 7.43 -20.20 21.36
CA ALA D 382 6.12 -19.81 20.90
C ALA D 382 5.96 -20.08 19.41
N ARG D 383 7.00 -19.82 18.62
CA ARG D 383 6.93 -20.10 17.18
C ARG D 383 6.83 -21.58 16.90
N GLU D 384 7.60 -22.40 17.65
CA GLU D 384 7.49 -23.86 17.49
C GLU D 384 6.08 -24.34 17.84
N ARG D 385 5.55 -23.89 18.98
CA ARG D 385 4.18 -24.21 19.35
C ARG D 385 3.19 -23.73 18.30
N LYS D 386 3.46 -22.57 17.70
CA LYS D 386 2.49 -21.95 16.82
C LYS D 386 2.40 -22.74 15.51
N THR D 387 3.55 -23.15 14.98
CA THR D 387 3.55 -23.94 13.75
C THR D 387 3.03 -25.35 14.00
N VAL D 388 3.34 -25.95 15.15
CA VAL D 388 2.79 -27.28 15.40
C VAL D 388 1.29 -27.19 15.61
N LYS D 389 0.79 -26.09 16.18
CA LYS D 389 -0.65 -25.91 16.32
C LYS D 389 -1.32 -25.73 14.97
N THR D 390 -0.69 -24.97 14.06
CA THR D 390 -1.27 -24.78 12.73
C THR D 390 -1.33 -26.09 11.96
N LEU D 391 -0.22 -26.84 11.96
CA LEU D 391 -0.20 -28.13 11.28
C LEU D 391 -1.16 -29.11 11.93
N GLY D 392 -1.26 -29.08 13.27
CA GLY D 392 -2.19 -29.95 13.95
C GLY D 392 -3.63 -29.64 13.60
N ILE D 393 -3.99 -28.37 13.51
CA ILE D 393 -5.34 -28.00 13.13
C ILE D 393 -5.65 -28.47 11.71
N ILE D 394 -4.74 -28.21 10.76
CA ILE D 394 -5.00 -28.59 9.38
C ILE D 394 -5.11 -30.10 9.24
N MET D 395 -4.14 -30.84 9.79
CA MET D 395 -4.13 -32.29 9.65
C MET D 395 -5.26 -32.93 10.45
N GLY D 396 -5.61 -32.39 11.62
CA GLY D 396 -6.72 -32.92 12.36
C GLY D 396 -8.04 -32.71 11.66
N THR D 397 -8.23 -31.55 11.04
CA THR D 397 -9.41 -31.34 10.22
C THR D 397 -9.49 -32.38 9.11
N PHE D 398 -8.40 -32.51 8.34
CA PHE D 398 -8.40 -33.43 7.20
C PHE D 398 -8.68 -34.87 7.65
N ILE D 399 -7.96 -35.34 8.67
CA ILE D 399 -8.12 -36.71 9.13
C ILE D 399 -9.49 -36.94 9.74
N LEU D 400 -9.84 -36.15 10.77
CA LEU D 400 -11.09 -36.35 11.48
C LEU D 400 -12.30 -36.23 10.57
N CYS D 401 -12.19 -35.50 9.45
CA CYS D 401 -13.32 -35.46 8.55
C CYS D 401 -13.31 -36.63 7.56
N TRP D 402 -12.22 -36.82 6.81
CA TRP D 402 -12.29 -37.74 5.67
C TRP D 402 -11.89 -39.17 6.03
N LEU D 403 -10.98 -39.39 6.99
CA LEU D 403 -10.42 -40.72 7.21
C LEU D 403 -11.45 -41.81 7.49
N PRO D 404 -12.42 -41.64 8.40
CA PRO D 404 -13.36 -42.75 8.64
C PRO D 404 -14.11 -43.17 7.39
N PHE D 405 -14.51 -42.23 6.53
CA PHE D 405 -15.23 -42.62 5.33
C PHE D 405 -14.34 -43.43 4.40
N PHE D 406 -13.09 -43.02 4.23
CA PHE D 406 -12.21 -43.69 3.29
C PHE D 406 -11.55 -44.94 3.88
N ILE D 407 -11.77 -45.24 5.16
CA ILE D 407 -11.34 -46.53 5.69
C ILE D 407 -12.55 -47.47 5.70
N VAL D 408 -13.75 -46.93 5.87
CA VAL D 408 -14.96 -47.76 5.74
C VAL D 408 -15.19 -48.15 4.28
N ALA D 409 -14.92 -47.24 3.34
CA ALA D 409 -15.10 -47.53 1.93
C ALA D 409 -14.05 -48.48 1.36
N LEU D 410 -13.14 -48.97 2.20
CA LEU D 410 -12.18 -49.97 1.79
C LEU D 410 -12.23 -51.24 2.63
N VAL D 411 -12.48 -51.13 3.94
CA VAL D 411 -12.62 -52.32 4.77
C VAL D 411 -13.87 -53.10 4.38
N LEU D 412 -15.01 -52.41 4.31
CA LEU D 412 -16.31 -53.05 4.09
C LEU D 412 -16.49 -53.74 2.74
N PRO D 413 -16.09 -53.15 1.61
CA PRO D 413 -16.32 -53.86 0.32
C PRO D 413 -15.62 -55.20 0.22
N PHE D 414 -14.53 -55.42 0.95
CA PHE D 414 -13.87 -56.71 0.91
C PHE D 414 -14.48 -57.72 1.88
N CYS D 415 -15.31 -57.29 2.81
CA CYS D 415 -15.96 -58.17 3.77
C CYS D 415 -17.48 -58.09 3.64
N GLU D 416 -17.98 -58.15 2.41
CA GLU D 416 -19.42 -58.08 2.17
C GLU D 416 -20.16 -59.30 2.73
N SER D 417 -19.45 -60.39 3.03
CA SER D 417 -20.08 -61.53 3.68
C SER D 417 -20.59 -61.17 5.06
N SER D 418 -19.80 -60.40 5.81
CA SER D 418 -20.24 -59.93 7.12
C SER D 418 -20.24 -58.40 7.15
N CYS D 419 -20.75 -57.78 6.09
CA CYS D 419 -20.80 -56.33 6.02
C CYS D 419 -21.90 -55.80 6.93
N HIS D 420 -21.56 -55.56 8.19
CA HIS D 420 -22.48 -55.00 9.18
C HIS D 420 -21.97 -53.64 9.60
N MET D 421 -22.81 -52.61 9.44
CA MET D 421 -22.43 -51.29 9.88
C MET D 421 -23.69 -50.54 10.29
N PRO D 422 -23.87 -50.25 11.59
CA PRO D 422 -25.11 -49.62 12.05
C PRO D 422 -25.34 -48.26 11.40
N THR D 423 -26.61 -47.99 11.09
CA THR D 423 -26.97 -46.73 10.43
C THR D 423 -26.69 -45.53 11.31
N LEU D 424 -26.98 -45.65 12.62
CA LEU D 424 -26.71 -44.56 13.55
C LEU D 424 -25.21 -44.31 13.74
N LEU D 425 -24.35 -45.22 13.28
CA LEU D 425 -22.92 -45.01 13.27
C LEU D 425 -22.34 -44.85 11.87
N GLY D 426 -23.09 -45.23 10.84
CA GLY D 426 -22.59 -45.18 9.47
C GLY D 426 -23.04 -43.96 8.70
N ALA D 427 -24.26 -43.49 8.97
CA ALA D 427 -24.74 -42.30 8.28
C ALA D 427 -24.00 -41.05 8.72
N ILE D 428 -23.54 -41.02 9.97
CA ILE D 428 -22.75 -39.90 10.46
C ILE D 428 -21.40 -39.83 9.75
N ILE D 429 -20.88 -40.96 9.27
CA ILE D 429 -19.56 -40.98 8.66
C ILE D 429 -19.66 -40.27 7.31
N ASN D 430 -20.73 -40.54 6.56
CA ASN D 430 -20.92 -39.86 5.27
C ASN D 430 -20.91 -38.34 5.44
N TRP D 431 -21.66 -37.86 6.43
CA TRP D 431 -21.71 -36.42 6.67
C TRP D 431 -20.50 -35.78 7.34
N LEU D 432 -19.75 -36.54 8.14
CA LEU D 432 -18.46 -36.05 8.61
C LEU D 432 -17.52 -35.82 7.43
N GLY D 433 -17.51 -36.75 6.47
CA GLY D 433 -16.75 -36.51 5.26
C GLY D 433 -17.24 -35.29 4.49
N TYR D 434 -18.56 -35.09 4.46
CA TYR D 434 -19.13 -33.94 3.76
C TYR D 434 -18.73 -32.63 4.41
N SER D 435 -18.70 -32.59 5.75
CA SER D 435 -18.48 -31.35 6.49
C SER D 435 -17.10 -30.76 6.27
N ASN D 436 -16.25 -31.45 5.50
CA ASN D 436 -14.98 -30.85 5.11
C ASN D 436 -15.20 -29.61 4.25
N SER D 437 -16.25 -29.60 3.43
CA SER D 437 -16.54 -28.42 2.63
C SER D 437 -16.94 -27.24 3.50
N LEU D 438 -17.65 -27.48 4.59
CA LEU D 438 -17.98 -26.42 5.53
C LEU D 438 -16.74 -25.96 6.31
N LEU D 439 -15.91 -26.91 6.74
CA LEU D 439 -14.80 -26.59 7.62
C LEU D 439 -13.57 -26.08 6.90
N ASN D 440 -13.50 -26.21 5.57
CA ASN D 440 -12.31 -25.74 4.85
C ASN D 440 -12.13 -24.23 4.92
N PRO D 441 -13.14 -23.38 4.66
CA PRO D 441 -12.91 -21.94 4.81
C PRO D 441 -12.78 -21.48 6.25
N VAL D 442 -13.18 -22.30 7.22
CA VAL D 442 -13.05 -21.92 8.62
C VAL D 442 -11.59 -21.80 9.01
N ILE D 443 -10.74 -22.71 8.51
CA ILE D 443 -9.34 -22.72 8.86
C ILE D 443 -8.47 -22.12 7.75
N TYR D 444 -8.86 -22.29 6.49
CA TYR D 444 -8.03 -21.78 5.41
C TYR D 444 -8.29 -20.32 5.10
N ALA D 445 -9.52 -19.84 5.30
CA ALA D 445 -9.88 -18.47 4.95
C ALA D 445 -10.30 -17.64 6.15
N TYR D 446 -11.27 -18.11 6.94
CA TYR D 446 -11.81 -17.27 8.02
C TYR D 446 -10.77 -16.99 9.08
N PHE D 447 -10.00 -18.00 9.49
CA PHE D 447 -8.99 -17.78 10.51
C PHE D 447 -7.79 -17.00 9.98
N ASN D 448 -7.64 -16.89 8.66
CA ASN D 448 -6.52 -16.16 8.09
C ASN D 448 -6.63 -14.67 8.41
N LYS D 449 -5.48 -14.05 8.68
CA LYS D 449 -5.46 -12.65 9.10
C LYS D 449 -5.93 -11.72 7.98
N ASP D 450 -5.55 -12.02 6.74
CA ASP D 450 -5.94 -11.16 5.62
C ASP D 450 -7.46 -11.08 5.50
N PHE D 451 -8.14 -12.22 5.53
CA PHE D 451 -9.60 -12.22 5.51
C PHE D 451 -10.17 -11.64 6.80
N GLN D 452 -9.51 -11.92 7.93
CA GLN D 452 -9.99 -11.40 9.20
C GLN D 452 -10.03 -9.88 9.23
N ASN D 453 -9.12 -9.24 8.49
CA ASN D 453 -9.15 -7.79 8.37
C ASN D 453 -9.96 -7.29 7.18
N ALA D 454 -10.09 -8.11 6.12
CA ALA D 454 -10.85 -7.68 4.96
C ALA D 454 -12.35 -7.75 5.21
N PHE D 455 -12.81 -8.70 6.03
CA PHE D 455 -14.23 -8.81 6.34
C PHE D 455 -14.74 -7.63 7.15
N LYS D 456 -13.84 -6.86 7.76
CA LYS D 456 -14.25 -5.66 8.49
C LYS D 456 -14.79 -4.59 7.56
N LYS D 457 -14.42 -4.61 6.28
CA LYS D 457 -14.89 -3.62 5.32
C LYS D 457 -16.37 -3.77 4.99
N ILE D 458 -16.98 -4.90 5.32
CA ILE D 458 -18.41 -5.12 5.10
C ILE D 458 -19.10 -5.08 6.45
N ILE D 459 -20.09 -4.19 6.57
CA ILE D 459 -20.81 -4.02 7.83
C ILE D 459 -22.24 -3.57 7.54
C1 CLR E . -28.00 -39.38 10.10
C2 CLR E . -28.64 -40.19 11.22
C3 CLR E . -30.15 -40.17 11.11
C4 CLR E . -30.65 -38.75 10.93
C5 CLR E . -29.54 -37.73 11.12
C6 CLR E . -29.66 -36.76 12.01
C7 CLR E . -28.54 -35.88 12.47
C8 CLR E . -27.42 -35.78 11.44
C9 CLR E . -27.09 -37.17 10.87
C10 CLR E . -28.32 -37.88 10.23
C11 CLR E . -25.87 -37.12 9.93
C12 CLR E . -24.66 -36.47 10.59
C13 CLR E . -24.95 -35.06 11.11
C14 CLR E . -26.15 -35.20 12.08
C15 CLR E . -26.21 -33.84 12.78
C16 CLR E . -24.73 -33.51 13.00
C17 CLR E . -23.90 -34.44 12.08
C18 CLR E . -25.27 -34.10 9.95
C19 CLR E . -28.66 -37.32 8.84
C20 CLR E . -22.66 -33.74 11.52
C21 CLR E . -21.77 -34.64 10.66
C22 CLR E . -21.83 -33.15 12.67
C23 CLR E . -21.17 -31.80 12.40
C24 CLR E . -22.15 -30.63 12.49
C25 CLR E . -22.80 -30.41 13.86
C26 CLR E . -23.76 -29.24 13.83
C27 CLR E . -21.75 -30.23 14.94
O1 CLR E . -30.58 -40.97 10.01
C1 T7M F . -5.31 -19.94 13.42
O1 T7M F . -4.95 -19.77 14.81
P1 T7M F . -5.95 -18.90 15.77
C2 T7M F . -4.66 -18.82 12.61
O2 T7M F . -5.11 -17.55 13.06
C3 T7M F . -4.98 -19.00 11.14
O3 T7M F . -4.36 -17.97 10.37
C4 T7M F . -4.52 -20.37 10.64
O4 T7M F . -4.95 -20.52 9.27
P4 T7M F . -3.78 -20.35 8.15
C5 T7M F . -5.15 -21.48 11.48
O5 T7M F . -4.66 -22.75 11.02
C6 T7M F . -4.83 -21.30 12.95
O6 T7M F . -3.42 -21.41 13.17
C7 T7M F . -7.50 -20.01 17.59
C8 T7M F . -7.70 -21.37 18.20
O11 T7M F . -5.20 -17.80 16.40
O12 T7M F . -7.22 -18.59 15.05
O13 T7M F . -6.23 -20.01 16.89
O41 T7M F . -2.92 -19.20 8.61
O42 T7M F . -3.05 -21.68 8.12
O43 T7M F . -4.50 -20.05 6.85
C01 ZKV G . -13.35 -41.16 -4.92
C02 ZKV G . -14.31 -40.57 -3.90
C03 ZKV G . -15.50 -41.17 -3.66
C04 ZKV G . -16.34 -40.65 -2.75
C05 ZKV G . -16.00 -39.51 -2.06
C06 ZKV G . -13.96 -39.43 -3.20
C07 ZKV G . -16.96 -38.93 -1.02
C08 ZKV G . -19.22 -39.03 -0.29
C09 ZKV G . -20.17 -40.22 -0.33
C10 ZKV G . -21.60 -39.76 -0.19
C11 ZKV G . -22.63 -40.84 -0.45
C12 ZKV G . -20.98 -42.06 -1.80
C13 ZKV G . -19.92 -40.97 -1.64
C14 ZKV G . -23.03 -41.22 -2.90
C15 ZKV G . -24.35 -40.49 -2.92
C16 ZKV G . -25.50 -41.15 -2.50
C17 ZKV G . -26.70 -40.50 -2.52
C18 ZKV G . -26.75 -39.21 -2.97
C19 ZKV G . -25.62 -38.58 -3.39
C20 ZKV G . -24.41 -39.21 -3.38
F01 ZKV G . -27.92 -38.55 -3.02
F02 ZKV G . -19.92 -41.07 0.69
N01 ZKV G . -14.81 -38.92 -2.30
N02 ZKV G . -18.34 -39.13 -1.43
N03 ZKV G . -22.25 -41.38 -1.71
O01 ZKV G . -22.64 -41.67 -3.91
CL01 ZKV G . -25.72 -36.90 -3.97
#